data_8T45
#
_entry.id   8T45
#
_cell.length_a   1.00
_cell.length_b   1.00
_cell.length_c   1.00
_cell.angle_alpha   90.00
_cell.angle_beta   90.00
_cell.angle_gamma   90.00
#
_symmetry.space_group_name_H-M   'P 1'
#
loop_
_entity.id
_entity.type
_entity.pdbx_description
1 polymer 'Band 3 anion transport protein'
2 non-polymer '[(2R)-2-octanoyloxy-3-[oxidanyl-[(1R,2R,3S,4R,5R,6S)-2,3,6-tris(oxidanyl)-4,5-diphosphonooxy-cyclohexyl]oxy-phosphoryl]oxy-propyl] octanoate'
3 non-polymer 2-acetamido-2-deoxy-beta-D-glucopyranose
4 non-polymer 'DIUNDECYL PHOSPHATIDYL CHOLINE'
#
_entity_poly.entity_id   1
_entity_poly.type   'polypeptide(L)'
_entity_poly.pdbx_seq_one_letter_code
;MEELQDDYEDMMEENLEQEEYEDPDIPESQMEEPAAHDTEATATDYHTTSHPGTHKVYVELQELVMDEKNQELRWMEAAR
WVQLEENLGENGAWGRPHLSHLTFWSLLELRRVFTKGTVLLDLQETSLAGVANQLLDRFIFEDQIRPQDREELLRALLLK
HSHAGELEALGGVKPAVLTRSGDPSQPLLPQHSSLETQLFCEQGDGGTEGHSPSGILEKIPPDSEATLVLVGRADFLEQP
VLGFVRLQEAAELEAVELPVPIRFLFVLLGPEAPHIDYTQLGRAAATLMSERVFRIDAYMAQSRGELLHSLEGFLDCSLV
LPPTDAPSEQALLSLVPVQRELLRRRYQSSPAKPDSSFYKGLDLNGGPDDPLQQTGQLFGGLVRDIRRRYPYYLSDITDA
FSPQVLAAVIFIYFAALSPAITFGGLLGEKTRNQMGVSELLISTAVQGILFALLGAQPLLVVGFSGPLLVFEEAFFSFCE
TNGLEYIVGRVWIGFWLILLVVLVVAFEGSFLVRFISRYTQEIFSFLISLIFIYETFSKLIKIFQDHPLQKTYNYNVLMV
PKPQGPLPNTALLSLVLMAGTFFFAMMLRKFKNSSYFPGKLRRVIGDFGVPISILIMVLVDFFIQDTYTQKLSVPDGFKV
SNSSARGWVIHPLGLRSEFPIWMMFASALPALLVFILIFLESQITTLIVSKPERKMVKGSGFHLDLLLVVGMGGVAALFG
MPWLSATTVRSVTHANALTVMGKASTPGAAAQIQEVKEQRISGLLVAVLVGLSILMEPILSRIPLAVLFGIFLYMGVTSL
SGIQLFDRILLLFKPPKYHPDVPYVKRVKTWRMHLFTGIQIICLAVLWVVKSTPASLALPFVLILTVPLRRVLLPLIFRN
VELQCLDADDAKATFDEEEGRDEYDEVAMPV
;
_entity_poly.pdbx_strand_id   A,B
#
loop_
_chem_comp.id
_chem_comp.type
_chem_comp.name
_chem_comp.formula
NAG D-saccharide, beta linking 2-acetamido-2-deoxy-beta-D-glucopyranose 'C8 H15 N O6'
PIO non-polymer '[(2R)-2-octanoyloxy-3-[oxidanyl-[(1R,2R,3S,4R,5R,6S)-2,3,6-tris(oxidanyl)-4,5-diphosphonooxy-cyclohexyl]oxy-phosphoryl]oxy-propyl] octanoate' 'C25 H49 O19 P3'
PLC non-polymer 'DIUNDECYL PHOSPHATIDYL CHOLINE' 'C32 H65 N O8 P 1'
#
# COMPACT_ATOMS: atom_id res chain seq x y z
N SER A 402 39.19 8.57 -8.96
CA SER A 402 38.35 8.67 -10.15
C SER A 402 36.89 8.91 -9.78
N PRO A 403 36.26 9.88 -10.43
CA PRO A 403 34.84 10.16 -10.12
C PRO A 403 33.92 8.98 -10.40
N GLN A 404 34.22 8.18 -11.42
CA GLN A 404 33.36 7.03 -11.73
C GLN A 404 33.49 5.94 -10.67
N VAL A 405 34.66 5.81 -10.05
CA VAL A 405 34.84 4.78 -9.02
C VAL A 405 34.03 5.12 -7.78
N LEU A 406 33.94 6.40 -7.43
CA LEU A 406 33.27 6.80 -6.19
C LEU A 406 31.78 6.47 -6.22
N ALA A 407 31.12 6.74 -7.34
CA ALA A 407 29.68 6.46 -7.44
C ALA A 407 29.40 4.97 -7.33
N ALA A 408 30.19 4.15 -8.03
CA ALA A 408 30.04 2.70 -7.93
C ALA A 408 30.31 2.21 -6.51
N VAL A 409 31.33 2.78 -5.86
CA VAL A 409 31.64 2.39 -4.49
C VAL A 409 30.45 2.71 -3.58
N ILE A 410 29.86 3.90 -3.73
CA ILE A 410 28.74 4.29 -2.90
C ILE A 410 27.55 3.36 -3.13
N PHE A 411 27.24 3.08 -4.40
CA PHE A 411 26.08 2.24 -4.70
C PHE A 411 26.26 0.83 -4.17
N ILE A 412 27.42 0.23 -4.40
CA ILE A 412 27.65 -1.13 -3.92
C ILE A 412 27.70 -1.15 -2.40
N TYR A 413 28.26 -0.11 -1.78
CA TYR A 413 28.30 -0.05 -0.33
C TYR A 413 26.91 -0.02 0.27
N PHE A 414 26.01 0.78 -0.31
CA PHE A 414 24.64 0.82 0.23
C PHE A 414 23.92 -0.50 -0.04
N ALA A 415 24.06 -1.06 -1.25
CA ALA A 415 23.40 -2.30 -1.60
C ALA A 415 23.95 -3.49 -0.84
N ALA A 416 25.13 -3.37 -0.22
CA ALA A 416 25.64 -4.39 0.66
C ALA A 416 25.32 -4.11 2.12
N LEU A 417 25.21 -2.84 2.50
CA LEU A 417 24.96 -2.49 3.89
C LEU A 417 23.52 -2.77 4.29
N SER A 418 22.56 -2.43 3.43
CA SER A 418 21.16 -2.68 3.80
C SER A 418 20.87 -4.14 4.08
N PRO A 419 21.23 -5.10 3.20
CA PRO A 419 21.13 -6.50 3.60
C PRO A 419 21.96 -6.84 4.81
N ALA A 420 23.14 -6.22 4.95
CA ALA A 420 23.99 -6.50 6.10
C ALA A 420 23.30 -6.15 7.41
N ILE A 421 22.71 -4.95 7.48
CA ILE A 421 22.07 -4.52 8.72
C ILE A 421 20.79 -5.32 8.97
N THR A 422 20.00 -5.59 7.93
CA THR A 422 18.78 -6.36 8.17
C THR A 422 19.08 -7.79 8.61
N PHE A 423 20.10 -8.42 8.00
CA PHE A 423 20.49 -9.76 8.41
C PHE A 423 21.15 -9.77 9.78
N GLY A 424 21.87 -8.70 10.13
CA GLY A 424 22.41 -8.60 11.48
C GLY A 424 21.33 -8.50 12.53
N GLY A 425 20.28 -7.71 12.24
CA GLY A 425 19.15 -7.67 13.15
C GLY A 425 18.45 -9.01 13.27
N LEU A 426 18.25 -9.69 12.15
CA LEU A 426 17.62 -11.01 12.19
C LEU A 426 18.46 -12.00 12.98
N LEU A 427 19.79 -11.97 12.79
CA LEU A 427 20.68 -12.87 13.52
C LEU A 427 20.68 -12.56 15.00
N GLY A 428 20.68 -11.28 15.37
CA GLY A 428 20.62 -10.91 16.77
C GLY A 428 19.33 -11.35 17.42
N GLU A 429 18.22 -11.30 16.68
CA GLU A 429 16.97 -11.83 17.20
C GLU A 429 17.03 -13.34 17.38
N LYS A 430 17.51 -14.05 16.36
CA LYS A 430 17.46 -15.51 16.37
C LYS A 430 18.45 -16.09 17.36
N THR A 431 19.67 -15.57 17.41
CA THR A 431 20.75 -16.16 18.18
C THR A 431 20.93 -15.53 19.55
N ARG A 432 19.96 -14.72 20.00
CA ARG A 432 20.05 -14.02 21.27
C ARG A 432 21.31 -13.15 21.34
N ASN A 433 21.60 -12.46 20.24
CA ASN A 433 22.72 -11.52 20.12
C ASN A 433 24.08 -12.20 20.28
N GLN A 434 24.12 -13.53 20.19
CA GLN A 434 25.42 -14.20 20.12
C GLN A 434 26.15 -13.83 18.84
N MET A 435 25.43 -13.72 17.74
CA MET A 435 25.93 -13.16 16.49
C MET A 435 24.96 -12.07 16.05
N GLY A 436 25.45 -10.86 15.91
CA GLY A 436 24.60 -9.71 15.66
C GLY A 436 25.12 -8.84 14.53
N VAL A 437 24.74 -7.57 14.59
CA VAL A 437 25.11 -6.62 13.54
C VAL A 437 26.61 -6.41 13.50
N SER A 438 27.25 -6.27 14.66
CA SER A 438 28.68 -5.99 14.69
C SER A 438 29.49 -7.14 14.09
N GLU A 439 29.19 -8.37 14.51
CA GLU A 439 29.90 -9.53 13.98
C GLU A 439 29.68 -9.68 12.49
N LEU A 440 28.43 -9.50 12.04
CA LEU A 440 28.13 -9.63 10.61
C LEU A 440 28.86 -8.58 9.80
N LEU A 441 28.87 -7.33 10.28
CA LEU A 441 29.54 -6.27 9.55
C LEU A 441 31.05 -6.49 9.49
N ILE A 442 31.66 -6.89 10.61
CA ILE A 442 33.10 -7.13 10.61
C ILE A 442 33.45 -8.30 9.70
N SER A 443 32.67 -9.38 9.77
CA SER A 443 32.92 -10.53 8.91
C SER A 443 32.77 -10.16 7.44
N THR A 444 31.70 -9.41 7.11
CA THR A 444 31.49 -9.00 5.74
C THR A 444 32.64 -8.14 5.23
N ALA A 445 33.11 -7.20 6.06
CA ALA A 445 34.21 -6.33 5.65
C ALA A 445 35.49 -7.12 5.43
N VAL A 446 35.85 -7.97 6.40
CA VAL A 446 37.12 -8.71 6.31
C VAL A 446 37.09 -9.65 5.11
N GLN A 447 35.99 -10.39 4.96
CA GLN A 447 35.90 -11.34 3.85
C GLN A 447 35.80 -10.62 2.51
N GLY A 448 35.17 -9.45 2.46
CA GLY A 448 35.14 -8.69 1.22
C GLY A 448 36.51 -8.19 0.82
N ILE A 449 37.29 -7.69 1.79
CA ILE A 449 38.65 -7.26 1.50
C ILE A 449 39.48 -8.44 1.02
N LEU A 450 39.39 -9.57 1.72
CA LEU A 450 40.18 -10.74 1.34
C LEU A 450 39.78 -11.27 -0.03
N PHE A 451 38.48 -11.27 -0.34
CA PHE A 451 38.01 -11.76 -1.62
C PHE A 451 38.38 -10.81 -2.76
N ALA A 452 38.34 -9.50 -2.50
CA ALA A 452 38.79 -8.55 -3.52
C ALA A 452 40.28 -8.72 -3.79
N LEU A 453 41.07 -8.97 -2.74
CA LEU A 453 42.51 -9.07 -2.94
C LEU A 453 42.92 -10.40 -3.59
N LEU A 454 42.26 -11.50 -3.22
CA LEU A 454 42.68 -12.83 -3.65
C LEU A 454 41.55 -13.64 -4.29
N GLY A 455 40.56 -13.00 -4.87
CA GLY A 455 39.45 -13.68 -5.51
C GLY A 455 39.62 -13.73 -7.02
N ALA A 456 39.23 -14.86 -7.61
CA ALA A 456 39.33 -15.00 -9.05
C ALA A 456 38.41 -14.02 -9.78
N GLN A 457 37.19 -13.85 -9.29
CA GLN A 457 36.20 -12.97 -9.93
C GLN A 457 35.86 -11.82 -8.99
N PRO A 458 36.36 -10.62 -9.23
CA PRO A 458 36.00 -9.48 -8.37
C PRO A 458 34.53 -9.11 -8.44
N LEU A 459 33.82 -9.53 -9.49
CA LEU A 459 32.40 -9.21 -9.60
C LEU A 459 31.61 -9.83 -8.46
N LEU A 460 32.01 -11.01 -8.00
CA LEU A 460 31.33 -11.67 -6.90
C LEU A 460 31.46 -10.85 -5.62
N VAL A 461 30.35 -10.75 -4.89
CA VAL A 461 30.33 -10.10 -3.58
C VAL A 461 30.00 -11.15 -2.53
N VAL A 462 30.45 -10.92 -1.31
CA VAL A 462 30.29 -11.85 -0.20
C VAL A 462 29.45 -11.17 0.87
N GLY A 463 28.41 -11.85 1.34
CA GLY A 463 27.59 -11.34 2.41
C GLY A 463 26.58 -12.37 2.85
N PHE A 464 25.96 -12.10 3.99
CA PHE A 464 24.96 -13.00 4.53
C PHE A 464 23.73 -13.02 3.63
N SER A 465 23.05 -14.17 3.60
CA SER A 465 21.87 -14.34 2.78
C SER A 465 20.83 -15.13 3.56
N GLY A 466 19.67 -15.32 2.95
CA GLY A 466 18.57 -16.01 3.59
C GLY A 466 18.85 -17.45 3.99
N PRO A 467 19.39 -18.27 3.07
CA PRO A 467 19.69 -19.67 3.44
C PRO A 467 20.65 -19.78 4.61
N LEU A 468 21.67 -18.92 4.65
CA LEU A 468 22.61 -18.96 5.76
C LEU A 468 21.93 -18.59 7.07
N LEU A 469 21.05 -17.59 7.04
CA LEU A 469 20.30 -17.23 8.24
C LEU A 469 19.41 -18.37 8.70
N VAL A 470 18.76 -19.05 7.75
CA VAL A 470 17.90 -20.18 8.10
C VAL A 470 18.72 -21.28 8.76
N PHE A 471 19.89 -21.60 8.20
CA PHE A 471 20.72 -22.64 8.79
C PHE A 471 21.22 -22.21 10.17
N GLU A 472 21.57 -20.93 10.33
CA GLU A 472 22.03 -20.46 11.64
C GLU A 472 20.92 -20.59 12.68
N GLU A 473 19.68 -20.23 12.31
CA GLU A 473 18.57 -20.40 13.23
C GLU A 473 18.35 -21.86 13.58
N ALA A 474 18.42 -22.74 12.57
CA ALA A 474 18.22 -24.16 12.82
C ALA A 474 19.30 -24.72 13.73
N PHE A 475 20.55 -24.33 13.50
CA PHE A 475 21.66 -24.80 14.34
C PHE A 475 21.54 -24.27 15.75
N PHE A 476 21.11 -23.01 15.91
CA PHE A 476 20.91 -22.46 17.25
C PHE A 476 19.81 -23.22 17.98
N SER A 477 18.72 -23.53 17.29
CA SER A 477 17.65 -24.30 17.91
C SER A 477 18.12 -25.69 18.30
N PHE A 478 18.89 -26.34 17.41
CA PHE A 478 19.42 -27.67 17.73
C PHE A 478 20.34 -27.63 18.93
N CYS A 479 21.21 -26.62 19.01
CA CYS A 479 22.13 -26.50 20.13
C CYS A 479 21.38 -26.23 21.43
N GLU A 480 20.36 -25.38 21.40
CA GLU A 480 19.60 -25.10 22.61
C GLU A 480 18.75 -26.30 23.03
N THR A 481 18.34 -27.13 22.07
CA THR A 481 17.61 -28.35 22.41
C THR A 481 18.55 -29.39 23.04
N ASN A 482 19.73 -29.56 22.47
CA ASN A 482 20.69 -30.53 22.97
C ASN A 482 21.60 -29.97 24.05
N GLY A 483 21.44 -28.69 24.41
CA GLY A 483 22.28 -28.09 25.43
C GLY A 483 23.68 -27.77 24.98
N LEU A 484 23.96 -27.83 23.69
CA LEU A 484 25.30 -27.58 23.17
C LEU A 484 25.59 -26.08 23.15
N GLU A 485 26.86 -25.75 22.96
CA GLU A 485 27.29 -24.36 22.79
C GLU A 485 27.24 -24.01 21.31
N TYR A 486 26.37 -23.06 20.96
CA TYR A 486 26.17 -22.70 19.56
C TYR A 486 27.42 -22.09 18.96
N ILE A 487 27.98 -21.08 19.64
CA ILE A 487 29.13 -20.36 19.08
C ILE A 487 30.37 -21.25 19.10
N VAL A 488 30.42 -22.24 19.99
CA VAL A 488 31.56 -23.15 20.00
C VAL A 488 31.35 -24.26 18.97
N GLY A 489 30.11 -24.70 18.76
CA GLY A 489 29.84 -25.66 17.71
C GLY A 489 30.12 -25.10 16.33
N ARG A 490 29.90 -23.80 16.14
CA ARG A 490 30.24 -23.18 14.87
C ARG A 490 31.73 -23.29 14.57
N VAL A 491 32.57 -23.29 15.61
CA VAL A 491 34.01 -23.42 15.41
C VAL A 491 34.34 -24.76 14.77
N TRP A 492 33.73 -25.83 15.28
CA TRP A 492 34.01 -27.15 14.71
C TRP A 492 33.35 -27.33 13.35
N ILE A 493 32.20 -26.67 13.12
CA ILE A 493 31.64 -26.66 11.78
C ILE A 493 32.60 -25.98 10.81
N GLY A 494 33.23 -24.89 11.23
CA GLY A 494 34.21 -24.24 10.38
C GLY A 494 35.45 -25.08 10.15
N PHE A 495 35.91 -25.79 11.19
CA PHE A 495 37.02 -26.72 11.02
C PHE A 495 36.70 -27.78 9.96
N TRP A 496 35.50 -28.36 10.06
CA TRP A 496 35.12 -29.37 9.09
C TRP A 496 34.88 -28.76 7.71
N LEU A 497 34.51 -27.48 7.64
CA LEU A 497 34.41 -26.80 6.36
C LEU A 497 35.78 -26.65 5.71
N ILE A 498 36.80 -26.30 6.49
CA ILE A 498 38.16 -26.24 5.96
C ILE A 498 38.60 -27.61 5.50
N LEU A 499 38.27 -28.65 6.27
CA LEU A 499 38.59 -30.01 5.84
C LEU A 499 37.86 -30.34 4.53
N LEU A 500 36.61 -29.92 4.39
CA LEU A 500 35.86 -30.18 3.18
C LEU A 500 36.48 -29.49 1.97
N VAL A 501 36.93 -28.24 2.14
CA VAL A 501 37.48 -27.53 1.00
C VAL A 501 38.85 -28.09 0.61
N VAL A 502 39.63 -28.54 1.60
CA VAL A 502 40.90 -29.16 1.23
C VAL A 502 40.69 -30.57 0.65
N LEU A 503 39.57 -31.21 0.97
CA LEU A 503 39.25 -32.49 0.34
C LEU A 503 38.77 -32.31 -1.09
N VAL A 504 37.91 -31.31 -1.33
CA VAL A 504 37.33 -31.11 -2.65
C VAL A 504 38.40 -30.70 -3.66
N VAL A 505 39.38 -29.91 -3.23
CA VAL A 505 40.45 -29.50 -4.15
C VAL A 505 41.26 -30.70 -4.61
N ALA A 506 41.30 -31.77 -3.80
CA ALA A 506 42.00 -32.98 -4.22
C ALA A 506 41.24 -33.70 -5.32
N PHE A 507 39.92 -33.87 -5.15
CA PHE A 507 39.05 -34.51 -6.14
C PHE A 507 38.07 -33.45 -6.63
N GLU A 508 38.45 -32.76 -7.71
CA GLU A 508 37.67 -31.65 -8.23
C GLU A 508 36.28 -32.10 -8.66
N GLY A 509 35.25 -31.68 -7.93
CA GLY A 509 33.89 -32.06 -8.22
C GLY A 509 33.18 -31.10 -9.16
N SER A 510 33.58 -31.11 -10.43
CA SER A 510 32.94 -30.26 -11.43
C SER A 510 31.66 -30.86 -12.01
N PHE A 511 31.38 -32.13 -11.72
CA PHE A 511 30.19 -32.78 -12.27
C PHE A 511 28.91 -32.34 -11.57
N LEU A 512 29.00 -31.94 -10.29
CA LEU A 512 27.80 -31.58 -9.54
C LEU A 512 27.13 -30.33 -10.10
N VAL A 513 27.91 -29.43 -10.73
CA VAL A 513 27.34 -28.21 -11.28
C VAL A 513 26.26 -28.53 -12.30
N ARG A 514 26.48 -29.56 -13.12
CA ARG A 514 25.48 -29.97 -14.08
C ARG A 514 24.21 -30.46 -13.40
N PHE A 515 24.35 -31.14 -12.26
CA PHE A 515 23.19 -31.75 -11.61
C PHE A 515 22.20 -30.69 -11.15
N ILE A 516 22.69 -29.59 -10.58
CA ILE A 516 21.80 -28.53 -10.13
C ILE A 516 21.21 -27.82 -11.35
N SER A 517 19.88 -27.77 -11.42
CA SER A 517 19.19 -27.24 -12.59
C SER A 517 18.22 -26.15 -12.15
N ARG A 518 17.42 -25.67 -13.11
CA ARG A 518 16.42 -24.65 -12.83
C ARG A 518 15.41 -25.15 -11.81
N TYR A 519 15.04 -26.43 -11.89
CA TYR A 519 14.16 -27.04 -10.90
C TYR A 519 14.63 -26.74 -9.48
N THR A 520 15.83 -27.21 -9.14
CA THR A 520 16.35 -27.06 -7.78
C THR A 520 16.56 -25.60 -7.44
N GLN A 521 17.13 -24.82 -8.38
CA GLN A 521 17.46 -23.44 -8.04
C GLN A 521 16.20 -22.59 -7.81
N GLU A 522 15.14 -22.84 -8.58
CA GLU A 522 13.91 -22.08 -8.40
C GLU A 522 13.13 -22.55 -7.18
N ILE A 523 13.17 -23.85 -6.86
CA ILE A 523 12.59 -24.30 -5.60
C ILE A 523 13.31 -23.63 -4.44
N PHE A 524 14.64 -23.55 -4.51
CA PHE A 524 15.43 -22.90 -3.47
C PHE A 524 15.05 -21.43 -3.33
N SER A 525 14.97 -20.71 -4.45
CA SER A 525 14.64 -19.29 -4.40
C SER A 525 13.23 -19.06 -3.86
N PHE A 526 12.27 -19.87 -4.29
CA PHE A 526 10.91 -19.73 -3.78
C PHE A 526 10.84 -20.01 -2.29
N LEU A 527 11.56 -21.03 -1.83
CA LEU A 527 11.60 -21.32 -0.40
C LEU A 527 12.21 -20.16 0.38
N ILE A 528 13.27 -19.55 -0.16
CA ILE A 528 13.90 -18.42 0.52
C ILE A 528 12.93 -17.23 0.60
N SER A 529 12.24 -16.93 -0.49
CA SER A 529 11.29 -15.84 -0.49
C SER A 529 10.14 -16.10 0.50
N LEU A 530 9.62 -17.32 0.52
CA LEU A 530 8.57 -17.66 1.47
C LEU A 530 9.08 -17.55 2.89
N ILE A 531 10.33 -17.95 3.13
CA ILE A 531 10.92 -17.81 4.47
C ILE A 531 11.01 -16.35 4.87
N PHE A 532 11.42 -15.48 3.94
CA PHE A 532 11.49 -14.05 4.25
C PHE A 532 10.12 -13.51 4.63
N ILE A 533 9.10 -13.82 3.83
CA ILE A 533 7.76 -13.33 4.11
C ILE A 533 7.26 -13.86 5.45
N TYR A 534 7.48 -15.15 5.71
CA TYR A 534 7.03 -15.75 6.97
C TYR A 534 7.75 -15.14 8.15
N GLU A 535 9.05 -14.85 8.02
CA GLU A 535 9.79 -14.23 9.11
C GLU A 535 9.25 -12.84 9.40
N THR A 536 8.97 -12.06 8.36
CA THR A 536 8.41 -10.72 8.58
C THR A 536 7.06 -10.80 9.29
N PHE A 537 6.18 -11.69 8.82
CA PHE A 537 4.86 -11.78 9.43
C PHE A 537 4.92 -12.33 10.85
N SER A 538 5.83 -13.27 11.11
CA SER A 538 5.99 -13.80 12.46
C SER A 538 6.53 -12.73 13.40
N LYS A 539 7.46 -11.90 12.92
CA LYS A 539 7.93 -10.79 13.74
C LYS A 539 6.81 -9.81 14.05
N LEU A 540 5.97 -9.53 13.05
CA LEU A 540 4.82 -8.65 13.29
C LEU A 540 3.88 -9.23 14.34
N ILE A 541 3.61 -10.54 14.24
CA ILE A 541 2.74 -11.19 15.22
C ILE A 541 3.36 -11.16 16.60
N LYS A 542 4.67 -11.39 16.70
CA LYS A 542 5.34 -11.33 17.99
C LYS A 542 5.28 -9.93 18.58
N ILE A 543 5.43 -8.90 17.75
CA ILE A 543 5.32 -7.52 18.23
C ILE A 543 3.92 -7.27 18.76
N PHE A 544 2.89 -7.72 18.03
CA PHE A 544 1.53 -7.50 18.48
C PHE A 544 1.20 -8.29 19.73
N GLN A 545 1.83 -9.44 19.92
CA GLN A 545 1.60 -10.22 21.14
C GLN A 545 2.32 -9.62 22.34
N ASP A 546 3.52 -9.07 22.12
CA ASP A 546 4.26 -8.45 23.23
C ASP A 546 3.55 -7.21 23.75
N HIS A 547 3.00 -6.40 22.85
CA HIS A 547 2.34 -5.15 23.19
C HIS A 547 0.94 -5.15 22.60
N PRO A 548 0.01 -5.87 23.21
CA PRO A 548 -1.35 -5.96 22.65
C PRO A 548 -2.08 -4.64 22.75
N LEU A 549 -3.13 -4.52 21.93
CA LEU A 549 -3.99 -3.34 21.94
C LEU A 549 -4.97 -3.47 23.08
N GLN A 550 -4.73 -2.73 24.16
CA GLN A 550 -5.56 -2.79 25.36
C GLN A 550 -6.07 -1.40 25.71
N LYS A 551 -7.13 -1.36 26.52
CA LYS A 551 -7.70 -0.10 26.96
C LYS A 551 -6.83 0.56 28.03
N THR A 552 -6.11 -0.23 28.83
CA THR A 552 -5.32 0.30 29.93
C THR A 552 -3.97 -0.38 29.96
N TYR A 553 -2.91 0.42 30.05
CA TYR A 553 -1.55 -0.07 30.23
C TYR A 553 -0.98 0.46 31.54
N ASN A 554 0.10 -0.17 31.99
CA ASN A 554 0.79 0.32 33.18
C ASN A 554 1.56 1.59 32.84
N TYR A 555 1.45 2.60 33.70
CA TYR A 555 2.05 3.90 33.41
C TYR A 555 3.56 3.79 33.29
N ASN A 556 4.20 3.08 34.22
CA ASN A 556 5.65 2.94 34.25
C ASN A 556 6.00 1.46 34.24
N VAL A 557 6.79 1.04 33.25
CA VAL A 557 7.30 -0.32 33.14
C VAL A 557 8.80 -0.25 32.92
N LEU A 558 9.52 -1.20 33.52
CA LEU A 558 10.96 -1.25 33.33
C LEU A 558 11.29 -1.54 31.87
N MET A 559 12.26 -0.79 31.34
CA MET A 559 12.65 -0.92 29.93
C MET A 559 14.16 -1.00 29.74
N VAL A 560 14.93 -1.07 30.82
CA VAL A 560 16.40 -1.15 30.67
C VAL A 560 16.84 -2.42 29.95
N PRO A 561 16.43 -3.63 30.37
CA PRO A 561 16.77 -4.81 29.55
C PRO A 561 15.90 -4.91 28.32
N LYS A 562 14.60 -4.67 28.49
CA LYS A 562 13.57 -4.83 27.49
C LYS A 562 12.26 -4.33 28.09
N PRO A 563 11.31 -3.86 27.29
CA PRO A 563 9.98 -3.53 27.84
C PRO A 563 9.37 -4.75 28.51
N GLN A 564 9.15 -4.63 29.82
CA GLN A 564 8.66 -5.75 30.61
C GLN A 564 7.14 -5.91 30.55
N GLY A 565 6.44 -5.01 29.85
CA GLY A 565 5.01 -5.11 29.73
C GLY A 565 4.51 -4.48 28.45
N PRO A 566 3.21 -4.58 28.21
CA PRO A 566 2.63 -3.98 26.99
C PRO A 566 2.79 -2.47 26.99
N LEU A 567 2.97 -1.92 25.79
CA LEU A 567 3.09 -0.48 25.59
C LEU A 567 2.02 0.01 24.62
N PRO A 568 1.58 1.27 24.76
CA PRO A 568 0.38 1.70 24.02
C PRO A 568 0.47 1.60 22.51
N ASN A 569 1.43 2.28 21.89
CA ASN A 569 1.45 2.45 20.44
C ASN A 569 2.64 1.75 19.79
N THR A 570 3.27 0.80 20.48
CA THR A 570 4.44 0.13 19.90
C THR A 570 4.04 -0.78 18.75
N ALA A 571 3.02 -1.61 18.95
CA ALA A 571 2.65 -2.60 17.94
C ALA A 571 2.10 -1.93 16.68
N LEU A 572 1.19 -0.97 16.85
CA LEU A 572 0.60 -0.31 15.70
C LEU A 572 1.63 0.52 14.94
N LEU A 573 2.53 1.21 15.66
CA LEU A 573 3.57 1.97 14.98
C LEU A 573 4.55 1.04 14.26
N SER A 574 4.85 -0.11 14.85
CA SER A 574 5.72 -1.07 14.17
C SER A 574 5.07 -1.58 12.88
N LEU A 575 3.77 -1.90 12.94
CA LEU A 575 3.06 -2.32 11.74
C LEU A 575 3.05 -1.20 10.69
N VAL A 576 2.83 0.03 11.13
CA VAL A 576 2.81 1.17 10.22
C VAL A 576 4.17 1.35 9.56
N LEU A 577 5.24 1.22 10.33
CA LEU A 577 6.58 1.37 9.78
C LEU A 577 6.90 0.27 8.79
N MET A 578 6.53 -0.98 9.11
CA MET A 578 6.75 -2.08 8.16
C MET A 578 6.01 -1.82 6.86
N ALA A 579 4.72 -1.49 6.96
CA ALA A 579 3.92 -1.27 5.76
C ALA A 579 4.44 -0.08 4.96
N GLY A 580 4.83 0.99 5.64
CA GLY A 580 5.35 2.15 4.94
C GLY A 580 6.68 1.88 4.25
N THR A 581 7.57 1.14 4.91
CA THR A 581 8.84 0.78 4.27
C THR A 581 8.60 -0.08 3.03
N PHE A 582 7.73 -1.08 3.15
CA PHE A 582 7.45 -1.93 2.00
C PHE A 582 6.83 -1.12 0.87
N PHE A 583 5.86 -0.25 1.20
CA PHE A 583 5.18 0.55 0.18
C PHE A 583 6.16 1.50 -0.51
N PHE A 584 7.01 2.18 0.26
CA PHE A 584 7.95 3.11 -0.34
C PHE A 584 8.99 2.40 -1.19
N ALA A 585 9.48 1.24 -0.73
CA ALA A 585 10.44 0.50 -1.54
C ALA A 585 9.82 0.02 -2.85
N MET A 586 8.60 -0.50 -2.79
CA MET A 586 7.94 -0.95 -4.00
C MET A 586 7.63 0.21 -4.94
N MET A 587 7.24 1.36 -4.37
CA MET A 587 6.95 2.53 -5.20
C MET A 587 8.20 3.05 -5.88
N LEU A 588 9.33 3.05 -5.18
CA LEU A 588 10.58 3.47 -5.79
C LEU A 588 11.04 2.48 -6.86
N ARG A 589 10.82 1.18 -6.62
CA ARG A 589 11.13 0.20 -7.65
C ARG A 589 10.28 0.41 -8.89
N LYS A 590 8.99 0.70 -8.71
CA LYS A 590 8.12 0.99 -9.84
C LYS A 590 8.55 2.27 -10.55
N PHE A 591 8.94 3.28 -9.78
CA PHE A 591 9.40 4.54 -10.36
C PHE A 591 10.65 4.34 -11.20
N LYS A 592 11.52 3.42 -10.78
CA LYS A 592 12.73 3.14 -11.55
C LYS A 592 12.38 2.68 -12.97
N ASN A 593 11.36 1.85 -13.11
CA ASN A 593 10.91 1.36 -14.40
C ASN A 593 9.82 2.22 -15.02
N SER A 594 9.44 3.31 -14.38
CA SER A 594 8.38 4.18 -14.88
C SER A 594 8.94 5.07 -15.98
N SER A 595 8.12 6.01 -16.46
CA SER A 595 8.50 6.93 -17.53
C SER A 595 8.51 8.38 -17.07
N TYR A 596 8.59 8.62 -15.76
CA TYR A 596 8.57 9.96 -15.20
C TYR A 596 9.98 10.44 -14.90
N PHE A 597 10.16 11.76 -14.93
CA PHE A 597 11.42 12.44 -14.58
C PHE A 597 12.51 12.11 -15.60
N PRO A 598 13.62 12.86 -15.61
CA PRO A 598 14.72 12.51 -16.53
C PRO A 598 15.25 11.11 -16.26
N GLY A 599 15.67 10.45 -17.34
CA GLY A 599 16.06 9.06 -17.24
C GLY A 599 17.21 8.84 -16.26
N LYS A 600 18.22 9.70 -16.30
CA LYS A 600 19.34 9.58 -15.37
C LYS A 600 18.88 9.74 -13.92
N LEU A 601 18.12 10.81 -13.66
CA LEU A 601 17.63 11.03 -12.30
C LEU A 601 16.69 9.92 -11.86
N ARG A 602 15.82 9.47 -12.76
CA ARG A 602 14.91 8.38 -12.42
C ARG A 602 15.66 7.11 -12.07
N ARG A 603 16.69 6.78 -12.86
CA ARG A 603 17.45 5.56 -12.59
C ARG A 603 18.26 5.66 -11.31
N VAL A 604 18.87 6.82 -11.04
CA VAL A 604 19.65 6.93 -9.81
C VAL A 604 18.74 6.96 -8.59
N ILE A 605 17.52 7.48 -8.73
CA ILE A 605 16.57 7.42 -7.62
C ILE A 605 16.10 5.99 -7.39
N GLY A 606 15.79 5.27 -8.46
CA GLY A 606 15.34 3.89 -8.32
C GLY A 606 16.41 2.96 -7.78
N ASP A 607 17.67 3.19 -8.15
CA ASP A 607 18.75 2.36 -7.66
C ASP A 607 18.88 2.44 -6.14
N PHE A 608 18.71 3.64 -5.59
CA PHE A 608 18.79 3.87 -4.15
C PHE A 608 17.43 3.78 -3.47
N GLY A 609 16.52 2.96 -4.00
CA GLY A 609 15.19 2.87 -3.41
C GLY A 609 15.21 2.37 -1.98
N VAL A 610 15.97 1.31 -1.72
CA VAL A 610 16.03 0.76 -0.37
C VAL A 610 16.64 1.75 0.62
N PRO A 611 17.81 2.36 0.37
CA PRO A 611 18.32 3.36 1.32
C PRO A 611 17.39 4.55 1.50
N ILE A 612 16.72 4.99 0.43
CA ILE A 612 15.83 6.13 0.55
C ILE A 612 14.62 5.79 1.42
N SER A 613 14.02 4.62 1.21
CA SER A 613 12.90 4.20 2.03
C SER A 613 13.32 4.01 3.48
N ILE A 614 14.50 3.42 3.71
CA ILE A 614 14.99 3.25 5.07
C ILE A 614 15.18 4.60 5.74
N LEU A 615 15.77 5.56 5.03
CA LEU A 615 15.97 6.90 5.59
C LEU A 615 14.64 7.57 5.90
N ILE A 616 13.67 7.45 4.99
CA ILE A 616 12.37 8.10 5.19
C ILE A 616 11.69 7.54 6.44
N MET A 617 11.64 6.22 6.56
CA MET A 617 10.96 5.63 7.72
C MET A 617 11.75 5.85 9.00
N VAL A 618 13.08 5.89 8.93
CA VAL A 618 13.89 6.18 10.11
C VAL A 618 13.62 7.59 10.59
N LEU A 619 13.53 8.56 9.67
CA LEU A 619 13.18 9.93 10.05
C LEU A 619 11.77 9.99 10.63
N VAL A 620 10.83 9.27 10.03
CA VAL A 620 9.46 9.27 10.52
C VAL A 620 9.42 8.78 11.96
N ASP A 621 10.12 7.69 12.25
CA ASP A 621 10.20 7.20 13.62
C ASP A 621 10.94 8.18 14.52
N PHE A 622 11.99 8.82 14.01
CA PHE A 622 12.77 9.75 14.81
C PHE A 622 11.95 10.96 15.22
N PHE A 623 10.92 11.30 14.45
CA PHE A 623 10.06 12.42 14.79
C PHE A 623 8.88 12.02 15.68
N ILE A 624 8.76 10.74 16.03
CA ILE A 624 7.79 10.29 17.02
C ILE A 624 8.56 10.11 18.32
N GLN A 625 8.61 11.17 19.14
CA GLN A 625 9.46 11.17 20.32
C GLN A 625 8.94 10.22 21.39
N ASP A 626 7.65 10.29 21.70
CA ASP A 626 7.12 9.57 22.86
C ASP A 626 7.00 8.08 22.62
N THR A 627 6.52 7.67 21.44
CA THR A 627 6.28 6.26 21.18
C THR A 627 7.59 5.49 21.07
N TYR A 628 7.61 4.29 21.64
CA TYR A 628 8.79 3.44 21.62
C TYR A 628 8.59 2.29 20.63
N THR A 629 9.61 2.05 19.80
CA THR A 629 9.65 0.88 18.95
C THR A 629 11.05 0.29 19.02
N GLN A 630 11.13 -1.03 18.89
CA GLN A 630 12.41 -1.73 19.02
C GLN A 630 13.36 -1.27 17.92
N LYS A 631 14.60 -0.96 18.31
CA LYS A 631 15.60 -0.45 17.41
C LYS A 631 16.77 -1.42 17.30
N LEU A 632 17.58 -1.21 16.26
CA LEU A 632 18.73 -2.07 16.03
C LEU A 632 19.75 -1.90 17.16
N SER A 633 20.28 -3.03 17.63
CA SER A 633 21.24 -3.05 18.72
C SER A 633 22.64 -3.14 18.13
N VAL A 634 23.39 -2.04 18.22
CA VAL A 634 24.76 -2.00 17.71
C VAL A 634 25.67 -1.50 18.84
N PRO A 635 26.74 -2.22 19.17
CA PRO A 635 27.66 -1.74 20.21
C PRO A 635 28.42 -0.51 19.75
N ASP A 636 28.81 0.30 20.72
CA ASP A 636 29.59 1.51 20.45
C ASP A 636 31.04 1.11 20.24
N GLY A 637 31.45 1.04 18.98
CA GLY A 637 32.80 0.64 18.62
C GLY A 637 32.86 -0.82 18.20
N PHE A 638 34.09 -1.28 17.95
CA PHE A 638 34.34 -2.66 17.55
C PHE A 638 34.26 -3.54 18.78
N LYS A 639 33.02 -3.90 19.14
CA LYS A 639 32.76 -4.71 20.32
C LYS A 639 31.87 -5.89 19.94
N VAL A 640 31.93 -6.94 20.75
CA VAL A 640 31.05 -8.08 20.58
C VAL A 640 29.61 -7.66 20.85
N SER A 641 28.68 -8.27 20.12
CA SER A 641 27.26 -7.94 20.30
C SER A 641 26.81 -8.31 21.71
N ASN A 642 27.23 -9.45 22.22
CA ASN A 642 26.93 -9.90 23.59
C ASN A 642 28.25 -10.20 24.28
N SER A 643 28.75 -9.22 25.03
CA SER A 643 30.02 -9.41 25.73
C SER A 643 29.93 -10.51 26.78
N SER A 644 28.79 -10.58 27.48
CA SER A 644 28.62 -11.61 28.50
C SER A 644 28.62 -13.00 27.89
N ALA A 645 27.98 -13.16 26.74
CA ALA A 645 27.87 -14.50 26.13
C ALA A 645 29.21 -14.99 25.62
N ARG A 646 29.97 -14.13 24.93
CA ARG A 646 31.20 -14.58 24.29
C ARG A 646 32.12 -13.38 24.08
N GLY A 647 33.39 -13.69 23.85
CA GLY A 647 34.39 -12.71 23.50
C GLY A 647 34.65 -12.68 22.00
N TRP A 648 35.84 -12.23 21.63
CA TRP A 648 36.21 -12.21 20.23
C TRP A 648 36.72 -13.57 19.76
N VAL A 649 37.80 -14.06 20.36
CA VAL A 649 38.34 -15.37 20.03
C VAL A 649 37.75 -16.38 21.00
N ILE A 650 36.97 -17.32 20.48
CA ILE A 650 36.25 -18.28 21.31
C ILE A 650 37.01 -19.60 21.30
N HIS A 651 37.19 -20.18 22.49
CA HIS A 651 37.97 -21.39 22.63
C HIS A 651 37.26 -22.55 21.94
N PRO A 652 37.93 -23.27 21.03
CA PRO A 652 37.27 -24.42 20.38
C PRO A 652 36.85 -25.50 21.34
N LEU A 653 37.57 -25.68 22.45
CA LEU A 653 37.25 -26.74 23.39
C LEU A 653 36.04 -26.42 24.27
N GLY A 654 35.62 -25.17 24.30
CA GLY A 654 34.44 -24.76 25.06
C GLY A 654 34.65 -23.41 25.71
N LEU A 655 33.55 -22.66 25.81
CA LEU A 655 33.57 -21.35 26.44
C LEU A 655 33.22 -21.43 27.92
N ARG A 656 32.03 -21.95 28.23
CA ARG A 656 31.58 -22.14 29.59
C ARG A 656 31.39 -23.59 29.99
N SER A 657 31.27 -24.50 29.02
CA SER A 657 31.12 -25.93 29.29
C SER A 657 32.01 -26.71 28.34
N GLU A 658 32.40 -27.91 28.77
CA GLU A 658 33.26 -28.75 27.95
C GLU A 658 32.52 -29.21 26.71
N PHE A 659 33.16 -29.08 25.56
CA PHE A 659 32.55 -29.49 24.30
C PHE A 659 32.67 -31.00 24.13
N PRO A 660 31.57 -31.71 23.92
CA PRO A 660 31.64 -33.18 23.79
C PRO A 660 32.45 -33.59 22.57
N ILE A 661 33.16 -34.70 22.71
CA ILE A 661 33.95 -35.25 21.60
C ILE A 661 33.03 -35.78 20.51
N TRP A 662 31.90 -36.38 20.89
CA TRP A 662 30.97 -36.89 19.90
C TRP A 662 30.44 -35.78 19.01
N MET A 663 30.15 -34.61 19.60
CA MET A 663 29.76 -33.46 18.78
C MET A 663 30.92 -32.97 17.92
N MET A 664 32.15 -33.05 18.43
CA MET A 664 33.31 -32.69 17.64
C MET A 664 33.38 -33.53 16.36
N PHE A 665 33.14 -34.83 16.48
CA PHE A 665 33.17 -35.70 15.31
C PHE A 665 31.92 -35.56 14.44
N ALA A 666 30.75 -35.33 15.05
CA ALA A 666 29.50 -35.24 14.31
C ALA A 666 29.25 -33.87 13.71
N SER A 667 30.13 -32.90 13.95
CA SER A 667 30.01 -31.60 13.29
C SER A 667 30.25 -31.68 11.79
N ALA A 668 30.73 -32.81 11.29
CA ALA A 668 30.96 -32.95 9.85
C ALA A 668 29.67 -32.82 9.06
N LEU A 669 28.58 -33.43 9.55
CA LEU A 669 27.32 -33.36 8.82
C LEU A 669 26.79 -31.93 8.70
N PRO A 670 26.71 -31.13 9.78
CA PRO A 670 26.33 -29.72 9.57
C PRO A 670 27.27 -28.97 8.66
N ALA A 671 28.56 -29.30 8.67
CA ALA A 671 29.49 -28.69 7.72
C ALA A 671 29.14 -29.08 6.28
N LEU A 672 28.76 -30.34 6.07
CA LEU A 672 28.34 -30.76 4.74
C LEU A 672 27.08 -30.01 4.31
N LEU A 673 26.14 -29.81 5.22
CA LEU A 673 24.94 -29.06 4.90
C LEU A 673 25.25 -27.60 4.57
N VAL A 674 26.17 -26.99 5.32
CA VAL A 674 26.59 -25.61 5.03
C VAL A 674 27.25 -25.55 3.66
N PHE A 675 28.09 -26.53 3.35
CA PHE A 675 28.73 -26.56 2.03
C PHE A 675 27.70 -26.71 0.93
N ILE A 676 26.67 -27.52 1.16
CA ILE A 676 25.60 -27.69 0.17
C ILE A 676 24.87 -26.36 -0.05
N LEU A 677 24.55 -25.66 1.03
CA LEU A 677 23.87 -24.37 0.90
C LEU A 677 24.73 -23.36 0.15
N ILE A 678 26.02 -23.28 0.50
CA ILE A 678 26.90 -22.33 -0.15
C ILE A 678 27.09 -22.67 -1.62
N PHE A 679 27.23 -23.96 -1.94
CA PHE A 679 27.36 -24.37 -3.33
C PHE A 679 26.10 -24.05 -4.13
N LEU A 680 24.93 -24.28 -3.54
CA LEU A 680 23.69 -23.96 -4.22
C LEU A 680 23.58 -22.46 -4.48
N GLU A 681 23.93 -21.64 -3.49
CA GLU A 681 23.88 -20.20 -3.67
C GLU A 681 24.86 -19.74 -4.74
N SER A 682 26.08 -20.29 -4.73
CA SER A 682 27.07 -19.92 -5.73
C SER A 682 26.62 -20.31 -7.13
N GLN A 683 26.03 -21.50 -7.27
CA GLN A 683 25.53 -21.93 -8.57
C GLN A 683 24.39 -21.03 -9.03
N ILE A 684 23.49 -20.65 -8.12
CA ILE A 684 22.37 -19.79 -8.48
C ILE A 684 22.88 -18.43 -8.95
N THR A 685 23.84 -17.85 -8.22
CA THR A 685 24.29 -16.51 -8.55
C THR A 685 25.16 -16.49 -9.80
N THR A 686 26.08 -17.44 -9.93
CA THR A 686 26.96 -17.47 -11.09
C THR A 686 26.17 -17.74 -12.37
N LEU A 687 25.23 -18.67 -12.33
CA LEU A 687 24.42 -19.01 -13.50
C LEU A 687 22.97 -18.55 -13.32
N GLY A 701 36.47 -20.62 -12.61
CA GLY A 701 36.79 -19.80 -11.47
C GLY A 701 35.79 -19.92 -10.35
N PHE A 702 34.61 -20.48 -10.67
CA PHE A 702 33.58 -20.65 -9.65
C PHE A 702 34.04 -21.58 -8.54
N HIS A 703 34.73 -22.67 -8.90
CA HIS A 703 35.21 -23.62 -7.91
C HIS A 703 36.20 -22.94 -6.96
N LEU A 704 37.16 -22.20 -7.52
CA LEU A 704 38.13 -21.51 -6.67
C LEU A 704 37.48 -20.47 -5.79
N ASP A 705 36.52 -19.72 -6.34
CA ASP A 705 35.84 -18.70 -5.56
C ASP A 705 35.07 -19.32 -4.40
N LEU A 706 34.33 -20.40 -4.66
CA LEU A 706 33.56 -21.03 -3.59
C LEU A 706 34.48 -21.65 -2.54
N LEU A 707 35.59 -22.25 -2.98
CA LEU A 707 36.53 -22.82 -2.02
C LEU A 707 37.12 -21.72 -1.14
N LEU A 708 37.50 -20.59 -1.73
CA LEU A 708 38.04 -19.49 -0.94
C LEU A 708 36.99 -18.94 0.03
N VAL A 709 35.74 -18.82 -0.42
CA VAL A 709 34.69 -18.28 0.44
C VAL A 709 34.45 -19.21 1.62
N VAL A 710 34.37 -20.53 1.37
CA VAL A 710 34.10 -21.46 2.46
C VAL A 710 35.30 -21.54 3.40
N GLY A 711 36.52 -21.45 2.87
CA GLY A 711 37.68 -21.42 3.74
C GLY A 711 37.71 -20.19 4.63
N MET A 712 37.37 -19.02 4.06
CA MET A 712 37.29 -17.80 4.85
C MET A 712 36.20 -17.91 5.91
N GLY A 713 35.06 -18.52 5.56
CA GLY A 713 34.01 -18.72 6.55
C GLY A 713 34.44 -19.64 7.67
N GLY A 714 35.15 -20.72 7.34
CA GLY A 714 35.65 -21.62 8.37
C GLY A 714 36.66 -20.93 9.28
N VAL A 715 37.52 -20.08 8.71
CA VAL A 715 38.45 -19.32 9.52
C VAL A 715 37.72 -18.32 10.42
N ALA A 716 36.71 -17.64 9.87
CA ALA A 716 35.95 -16.67 10.64
C ALA A 716 35.11 -17.31 11.74
N ALA A 717 34.73 -18.58 11.58
CA ALA A 717 34.01 -19.26 12.64
C ALA A 717 34.84 -19.34 13.92
N LEU A 718 36.17 -19.27 13.80
CA LEU A 718 37.03 -19.26 14.99
C LEU A 718 36.80 -18.02 15.83
N PHE A 719 36.42 -16.91 15.21
CA PHE A 719 36.22 -15.65 15.90
C PHE A 719 34.76 -15.35 16.19
N GLY A 720 33.88 -16.34 16.01
CA GLY A 720 32.46 -16.14 16.26
C GLY A 720 31.73 -15.37 15.19
N MET A 721 32.33 -15.15 14.05
CA MET A 721 31.75 -14.39 12.96
C MET A 721 31.08 -15.33 11.96
N PRO A 722 29.99 -14.88 11.32
CA PRO A 722 29.28 -15.76 10.40
C PRO A 722 30.06 -16.00 9.12
N TRP A 723 29.77 -17.13 8.48
CA TRP A 723 30.30 -17.42 7.16
C TRP A 723 29.39 -16.82 6.09
N LEU A 724 29.99 -16.41 4.99
CA LEU A 724 29.28 -15.71 3.92
C LEU A 724 29.12 -16.63 2.72
N SER A 725 28.35 -16.14 1.74
CA SER A 725 28.10 -16.85 0.50
C SER A 725 28.51 -15.96 -0.67
N ALA A 726 28.36 -16.51 -1.88
CA ALA A 726 28.72 -15.81 -3.10
C ALA A 726 27.45 -15.27 -3.75
N THR A 727 27.41 -13.96 -3.97
CA THR A 727 26.26 -13.31 -4.58
C THR A 727 26.74 -12.25 -5.57
N THR A 728 25.91 -11.97 -6.59
CA THR A 728 26.21 -10.96 -7.59
C THR A 728 25.10 -9.92 -7.70
N VAL A 729 24.25 -9.81 -6.68
CA VAL A 729 23.08 -8.92 -6.77
C VAL A 729 23.54 -7.48 -6.90
N ARG A 730 24.42 -7.03 -6.00
CA ARG A 730 24.87 -5.64 -6.03
C ARG A 730 25.65 -5.33 -7.30
N SER A 731 26.55 -6.23 -7.70
CA SER A 731 27.35 -6.00 -8.91
C SER A 731 26.47 -5.96 -10.15
N VAL A 732 25.50 -6.88 -10.25
CA VAL A 732 24.60 -6.89 -11.40
C VAL A 732 23.74 -5.63 -11.42
N THR A 733 23.26 -5.20 -10.25
CA THR A 733 22.45 -4.00 -10.18
C THR A 733 23.26 -2.76 -10.60
N HIS A 734 24.52 -2.70 -10.17
CA HIS A 734 25.38 -1.59 -10.60
C HIS A 734 25.65 -1.64 -12.10
N ALA A 735 25.88 -2.84 -12.65
CA ALA A 735 26.15 -3.00 -14.07
C ALA A 735 24.88 -2.79 -14.89
N GLN A 752 41.40 -4.29 -20.62
CA GLN A 752 40.70 -5.41 -20.01
C GLN A 752 41.15 -5.64 -18.57
N ILE A 753 42.46 -5.52 -18.34
CA ILE A 753 43.00 -5.69 -17.00
C ILE A 753 42.64 -4.50 -16.12
N GLN A 754 42.59 -3.30 -16.71
CA GLN A 754 42.32 -2.10 -15.92
C GLN A 754 40.93 -2.13 -15.31
N GLU A 755 39.94 -2.64 -16.04
CA GLU A 755 38.60 -2.80 -15.47
C GLU A 755 38.60 -3.78 -14.31
N VAL A 756 39.38 -4.86 -14.41
CA VAL A 756 39.49 -5.81 -13.31
C VAL A 756 40.10 -5.13 -12.08
N LYS A 757 41.16 -4.35 -12.29
CA LYS A 757 41.79 -3.64 -11.17
C LYS A 757 40.81 -2.65 -10.55
N GLU A 758 40.04 -1.94 -11.38
CA GLU A 758 39.05 -1.01 -10.86
C GLU A 758 37.98 -1.73 -10.05
N GLN A 759 37.54 -2.90 -10.52
CA GLN A 759 36.56 -3.68 -9.77
C GLN A 759 37.12 -4.14 -8.44
N ARG A 760 38.39 -4.59 -8.41
CA ARG A 760 39.00 -4.99 -7.15
C ARG A 760 39.09 -3.81 -6.18
N ILE A 761 39.50 -2.65 -6.67
CA ILE A 761 39.62 -1.48 -5.81
C ILE A 761 38.25 -1.06 -5.28
N SER A 762 37.23 -1.08 -6.14
CA SER A 762 35.88 -0.72 -5.70
C SER A 762 35.36 -1.69 -4.65
N GLY A 763 35.59 -2.99 -4.85
CA GLY A 763 35.17 -3.96 -3.86
C GLY A 763 35.89 -3.79 -2.53
N LEU A 764 37.20 -3.52 -2.58
CA LEU A 764 37.95 -3.29 -1.35
C LEU A 764 37.44 -2.05 -0.62
N LEU A 765 37.17 -0.97 -1.35
CA LEU A 765 36.65 0.24 -0.72
C LEU A 765 35.26 0.00 -0.13
N VAL A 766 34.42 -0.75 -0.83
CA VAL A 766 33.09 -1.07 -0.31
C VAL A 766 33.20 -1.88 0.97
N ALA A 767 34.10 -2.86 1.01
CA ALA A 767 34.30 -3.65 2.21
C ALA A 767 34.81 -2.79 3.36
N VAL A 768 35.75 -1.88 3.08
CA VAL A 768 36.26 -1.00 4.12
C VAL A 768 35.15 -0.11 4.67
N LEU A 769 34.31 0.44 3.79
CA LEU A 769 33.21 1.27 4.24
C LEU A 769 32.21 0.48 5.07
N VAL A 770 31.93 -0.76 4.66
CA VAL A 770 31.03 -1.62 5.42
C VAL A 770 31.59 -1.87 6.82
N GLY A 771 32.90 -2.13 6.91
CA GLY A 771 33.51 -2.31 8.22
C GLY A 771 33.47 -1.05 9.06
N LEU A 772 33.71 0.10 8.45
CA LEU A 772 33.67 1.37 9.16
C LEU A 772 32.25 1.82 9.50
N SER A 773 31.23 1.16 8.95
CA SER A 773 29.86 1.53 9.26
C SER A 773 29.52 1.33 10.74
N ILE A 774 30.26 0.47 11.44
CA ILE A 774 30.02 0.29 12.87
C ILE A 774 30.35 1.55 13.64
N LEU A 775 31.30 2.35 13.13
CA LEU A 775 31.61 3.63 13.78
C LEU A 775 30.40 4.56 13.80
N MET A 776 29.49 4.40 12.84
CA MET A 776 28.26 5.18 12.83
C MET A 776 27.22 4.53 13.75
N GLU A 777 27.61 4.22 14.98
CA GLU A 777 26.67 3.64 15.93
C GLU A 777 25.50 4.57 16.28
N PRO A 778 25.69 5.87 16.51
CA PRO A 778 24.52 6.72 16.78
C PRO A 778 23.49 6.70 15.66
N ILE A 779 23.93 6.63 14.40
CA ILE A 779 22.98 6.60 13.30
C ILE A 779 22.27 5.26 13.25
N LEU A 780 23.00 4.16 13.44
CA LEU A 780 22.40 2.83 13.32
C LEU A 780 21.49 2.51 14.50
N SER A 781 21.74 3.11 15.66
CA SER A 781 20.93 2.84 16.83
C SER A 781 19.54 3.47 16.76
N ARG A 782 19.31 4.39 15.83
CA ARG A 782 18.00 5.01 15.64
C ARG A 782 17.23 4.38 14.50
N ILE A 783 17.72 3.27 13.94
CA ILE A 783 17.02 2.55 12.88
C ILE A 783 16.14 1.49 13.56
N PRO A 784 14.82 1.61 13.50
CA PRO A 784 13.97 0.59 14.12
C PRO A 784 14.08 -0.74 13.39
N LEU A 785 13.66 -1.79 14.08
CA LEU A 785 13.60 -3.10 13.44
C LEU A 785 12.40 -3.25 12.53
N ALA A 786 11.38 -2.40 12.70
CA ALA A 786 10.20 -2.50 11.83
C ALA A 786 10.54 -2.11 10.40
N VAL A 787 11.33 -1.05 10.20
CA VAL A 787 11.70 -0.66 8.85
C VAL A 787 12.60 -1.72 8.21
N LEU A 788 13.48 -2.32 9.00
CA LEU A 788 14.34 -3.38 8.49
C LEU A 788 13.52 -4.61 8.11
N PHE A 789 12.47 -4.93 8.87
CA PHE A 789 11.62 -6.05 8.51
C PHE A 789 10.75 -5.74 7.31
N GLY A 790 10.36 -4.47 7.14
CA GLY A 790 9.71 -4.07 5.90
C GLY A 790 10.63 -4.26 4.70
N ILE A 791 11.90 -3.92 4.86
CA ILE A 791 12.88 -4.18 3.80
C ILE A 791 13.03 -5.67 3.56
N PHE A 792 12.97 -6.47 4.63
CA PHE A 792 13.01 -7.93 4.49
C PHE A 792 11.85 -8.43 3.65
N LEU A 793 10.64 -7.95 3.94
CA LEU A 793 9.47 -8.33 3.16
C LEU A 793 9.59 -7.88 1.72
N TYR A 794 10.12 -6.67 1.50
CA TYR A 794 10.32 -6.18 0.14
C TYR A 794 11.29 -7.05 -0.63
N MET A 795 12.39 -7.45 0.02
CA MET A 795 13.35 -8.34 -0.63
C MET A 795 12.73 -9.68 -0.96
N GLY A 796 11.95 -10.24 -0.02
CA GLY A 796 11.29 -11.51 -0.29
C GLY A 796 10.31 -11.44 -1.45
N VAL A 797 9.55 -10.34 -1.53
CA VAL A 797 8.60 -10.18 -2.62
C VAL A 797 9.33 -9.97 -3.94
N THR A 798 10.39 -9.15 -3.94
CA THR A 798 11.11 -8.85 -5.16
C THR A 798 11.84 -10.07 -5.71
N SER A 799 12.33 -10.95 -4.85
CA SER A 799 13.06 -12.12 -5.31
C SER A 799 12.18 -13.10 -6.08
N LEU A 800 10.87 -12.94 -6.04
CA LEU A 800 9.94 -13.82 -6.75
C LEU A 800 9.71 -13.42 -8.20
N SER A 801 10.29 -12.30 -8.64
CA SER A 801 9.97 -11.77 -9.96
C SER A 801 10.45 -12.70 -11.07
N GLY A 802 11.71 -13.11 -11.03
CA GLY A 802 12.28 -13.90 -12.10
C GLY A 802 12.07 -15.39 -12.04
N ILE A 803 11.38 -15.90 -11.02
CA ILE A 803 11.23 -17.33 -10.83
C ILE A 803 10.11 -17.85 -11.73
N GLN A 804 10.42 -18.86 -12.54
CA GLN A 804 9.40 -19.47 -13.39
C GLN A 804 8.39 -20.24 -12.57
N LEU A 805 8.79 -20.78 -11.42
CA LEU A 805 7.84 -21.46 -10.55
C LEU A 805 6.76 -20.51 -10.06
N PHE A 806 7.14 -19.28 -9.71
CA PHE A 806 6.16 -18.28 -9.32
C PHE A 806 5.24 -17.94 -10.49
N ASP A 807 5.81 -17.86 -11.70
CA ASP A 807 5.00 -17.56 -12.88
C ASP A 807 3.95 -18.64 -13.12
N ARG A 808 4.36 -19.91 -12.99
CA ARG A 808 3.40 -20.99 -13.19
C ARG A 808 2.39 -21.07 -12.05
N ILE A 809 2.80 -20.74 -10.83
CA ILE A 809 1.85 -20.67 -9.73
C ILE A 809 0.80 -19.60 -9.98
N LEU A 810 1.23 -18.45 -10.53
CA LEU A 810 0.27 -17.42 -10.91
C LEU A 810 -0.63 -17.91 -12.05
N LEU A 811 -0.06 -18.63 -13.01
CA LEU A 811 -0.85 -19.18 -14.12
C LEU A 811 -1.87 -20.20 -13.62
N LEU A 812 -1.62 -20.83 -12.49
CA LEU A 812 -2.62 -21.73 -11.91
C LEU A 812 -3.95 -21.03 -11.69
N PHE A 813 -3.93 -19.72 -11.45
CA PHE A 813 -5.14 -18.94 -11.21
C PHE A 813 -5.69 -18.26 -12.45
N LYS A 814 -4.83 -17.91 -13.41
CA LYS A 814 -5.31 -17.30 -14.64
C LYS A 814 -5.95 -18.36 -15.53
N PRO A 815 -7.01 -18.00 -16.28
CA PRO A 815 -7.58 -18.95 -17.22
C PRO A 815 -6.59 -19.27 -18.33
N PRO A 816 -6.70 -20.43 -18.95
CA PRO A 816 -5.75 -20.79 -20.02
C PRO A 816 -5.75 -19.83 -21.18
N LYS A 817 -6.83 -19.08 -21.40
CA LYS A 817 -6.85 -18.08 -22.45
C LYS A 817 -5.81 -16.99 -22.20
N TYR A 818 -5.63 -16.60 -20.94
CA TYR A 818 -4.74 -15.51 -20.58
C TYR A 818 -3.30 -15.96 -20.36
N HIS A 819 -2.98 -17.23 -20.57
CA HIS A 819 -1.61 -17.69 -20.43
C HIS A 819 -0.72 -17.02 -21.48
N PRO A 820 0.52 -16.69 -21.14
CA PRO A 820 1.37 -15.94 -22.06
C PRO A 820 1.93 -16.85 -23.15
N ASP A 821 2.67 -16.23 -24.09
CA ASP A 821 3.32 -16.95 -25.18
C ASP A 821 4.70 -17.39 -24.69
N VAL A 822 4.71 -18.46 -23.90
CA VAL A 822 5.93 -19.01 -23.33
C VAL A 822 6.04 -20.46 -23.82
N PRO A 823 7.25 -20.98 -24.07
CA PRO A 823 7.36 -22.35 -24.60
C PRO A 823 6.67 -23.41 -23.77
N TYR A 824 6.72 -23.32 -22.43
CA TYR A 824 6.04 -24.35 -21.64
C TYR A 824 4.53 -24.20 -21.67
N VAL A 825 4.03 -22.99 -21.96
CA VAL A 825 2.59 -22.82 -22.14
C VAL A 825 2.12 -23.47 -23.43
N LYS A 826 2.88 -23.29 -24.51
CA LYS A 826 2.42 -23.71 -25.83
C LYS A 826 2.71 -25.18 -26.08
N ARG A 827 3.92 -25.65 -25.77
CA ARG A 827 4.32 -27.01 -26.10
C ARG A 827 3.95 -28.03 -25.04
N VAL A 828 3.35 -27.61 -23.94
CA VAL A 828 2.91 -28.51 -22.88
C VAL A 828 1.43 -28.28 -22.62
N LYS A 829 0.69 -29.37 -22.45
CA LYS A 829 -0.72 -29.26 -22.11
C LYS A 829 -0.88 -28.56 -20.77
N THR A 830 -1.97 -27.80 -20.64
CA THR A 830 -2.15 -26.98 -19.45
C THR A 830 -2.22 -27.82 -18.18
N TRP A 831 -2.92 -28.96 -18.25
CA TRP A 831 -3.01 -29.81 -17.06
C TRP A 831 -1.66 -30.45 -16.73
N ARG A 832 -0.83 -30.74 -17.74
CA ARG A 832 0.51 -31.25 -17.47
C ARG A 832 1.38 -30.20 -16.80
N MET A 833 1.31 -28.95 -17.27
CA MET A 833 2.05 -27.87 -16.64
C MET A 833 1.58 -27.66 -15.20
N HIS A 834 0.27 -27.74 -14.98
CA HIS A 834 -0.25 -27.58 -13.63
C HIS A 834 0.14 -28.76 -12.74
N LEU A 835 0.25 -29.96 -13.30
CA LEU A 835 0.77 -31.10 -12.53
C LEU A 835 2.23 -30.88 -12.14
N PHE A 836 3.04 -30.34 -13.07
CA PHE A 836 4.41 -29.98 -12.76
C PHE A 836 4.47 -28.97 -11.61
N THR A 837 3.63 -27.93 -11.70
CA THR A 837 3.59 -26.92 -10.65
C THR A 837 3.12 -27.52 -9.33
N GLY A 838 2.18 -28.45 -9.37
CA GLY A 838 1.72 -29.09 -8.16
C GLY A 838 2.79 -29.95 -7.51
N ILE A 839 3.59 -30.64 -8.33
CA ILE A 839 4.69 -31.42 -7.78
C ILE A 839 5.72 -30.51 -7.12
N GLN A 840 6.01 -29.37 -7.76
CA GLN A 840 6.93 -28.41 -7.15
C GLN A 840 6.35 -27.84 -5.86
N ILE A 841 5.03 -27.61 -5.83
CA ILE A 841 4.38 -27.12 -4.61
C ILE A 841 4.46 -28.15 -3.51
N ILE A 842 4.30 -29.43 -3.85
CA ILE A 842 4.45 -30.50 -2.87
C ILE A 842 5.87 -30.53 -2.33
N CYS A 843 6.86 -30.34 -3.20
CA CYS A 843 8.25 -30.28 -2.74
C CYS A 843 8.47 -29.12 -1.78
N LEU A 844 7.90 -27.95 -2.12
CA LEU A 844 8.01 -26.79 -1.22
C LEU A 844 7.34 -27.05 0.12
N ALA A 845 6.17 -27.71 0.10
CA ALA A 845 5.48 -28.02 1.34
C ALA A 845 6.28 -29.01 2.19
N VAL A 846 6.91 -30.00 1.55
CA VAL A 846 7.76 -30.94 2.29
C VAL A 846 8.94 -30.20 2.90
N LEU A 847 9.55 -29.28 2.16
CA LEU A 847 10.65 -28.49 2.70
C LEU A 847 10.20 -27.65 3.89
N TRP A 848 9.01 -27.04 3.79
CA TRP A 848 8.51 -26.24 4.89
C TRP A 848 8.23 -27.10 6.11
N VAL A 849 7.68 -28.29 5.91
CA VAL A 849 7.43 -29.20 7.03
C VAL A 849 8.75 -29.60 7.70
N VAL A 850 9.77 -29.89 6.88
CA VAL A 850 11.08 -30.24 7.44
C VAL A 850 11.65 -29.08 8.24
N LYS A 851 11.50 -27.86 7.73
CA LYS A 851 11.98 -26.68 8.45
C LYS A 851 11.24 -26.51 9.76
N SER A 852 9.92 -26.74 9.77
CA SER A 852 9.15 -26.59 11.00
C SER A 852 9.53 -27.65 12.03
N THR A 853 9.78 -28.87 11.58
CA THR A 853 10.14 -29.96 12.50
C THR A 853 11.55 -29.73 13.05
N PRO A 854 11.86 -30.36 14.20
CA PRO A 854 13.22 -30.20 14.78
C PRO A 854 14.33 -30.74 13.89
N ALA A 855 13.98 -31.33 12.75
CA ALA A 855 14.95 -31.78 11.76
C ALA A 855 15.27 -30.69 10.74
N SER A 856 15.09 -29.41 11.11
CA SER A 856 15.33 -28.32 10.18
C SER A 856 16.77 -28.28 9.70
N LEU A 857 17.70 -28.79 10.51
CA LEU A 857 19.11 -28.84 10.09
C LEU A 857 19.28 -29.66 8.82
N ALA A 858 18.38 -30.61 8.58
CA ALA A 858 18.46 -31.44 7.38
C ALA A 858 17.86 -30.78 6.16
N LEU A 859 17.34 -29.55 6.28
CA LEU A 859 16.74 -28.88 5.14
C LEU A 859 17.70 -28.71 3.95
N PRO A 860 18.96 -28.32 4.12
CA PRO A 860 19.86 -28.28 2.96
C PRO A 860 19.98 -29.61 2.24
N PHE A 861 19.96 -30.73 2.98
CA PHE A 861 20.03 -32.04 2.34
C PHE A 861 18.75 -32.33 1.56
N VAL A 862 17.60 -32.13 2.19
CA VAL A 862 16.33 -32.48 1.56
C VAL A 862 16.14 -31.73 0.25
N LEU A 863 16.55 -30.47 0.22
CA LEU A 863 16.44 -29.69 -1.01
C LEU A 863 17.29 -30.29 -2.11
N ILE A 864 18.50 -30.76 -1.78
CA ILE A 864 19.33 -31.42 -2.79
C ILE A 864 18.67 -32.71 -3.27
N LEU A 865 17.76 -33.28 -2.47
CA LEU A 865 17.01 -34.45 -2.90
C LEU A 865 16.09 -34.15 -4.07
N THR A 866 15.85 -32.87 -4.39
CA THR A 866 15.11 -32.56 -5.61
C THR A 866 15.93 -32.82 -6.85
N VAL A 867 17.26 -32.89 -6.74
CA VAL A 867 18.09 -33.19 -7.91
C VAL A 867 17.82 -34.59 -8.44
N PRO A 868 17.85 -35.66 -7.63
CA PRO A 868 17.45 -36.97 -8.17
C PRO A 868 16.01 -37.00 -8.66
N LEU A 869 15.11 -36.30 -7.98
CA LEU A 869 13.69 -36.35 -8.34
C LEU A 869 13.47 -35.84 -9.76
N ARG A 870 14.13 -34.75 -10.14
CA ARG A 870 14.06 -34.27 -11.50
C ARG A 870 14.73 -35.25 -12.47
N ARG A 871 15.79 -35.91 -12.03
CA ARG A 871 16.59 -36.72 -12.94
C ARG A 871 16.03 -38.14 -13.09
N VAL A 872 15.64 -38.77 -11.98
CA VAL A 872 15.28 -40.17 -12.00
C VAL A 872 13.79 -40.43 -11.78
N LEU A 873 13.04 -39.46 -11.28
CA LEU A 873 11.61 -39.64 -10.99
C LEU A 873 10.70 -38.86 -11.91
N LEU A 874 11.04 -37.61 -12.22
CA LEU A 874 10.21 -36.82 -13.12
C LEU A 874 10.07 -37.43 -14.51
N PRO A 875 11.11 -37.97 -15.16
CA PRO A 875 10.91 -38.56 -16.49
C PRO A 875 9.93 -39.73 -16.49
N LEU A 876 9.70 -40.38 -15.35
CA LEU A 876 8.70 -41.43 -15.30
C LEU A 876 7.30 -40.88 -15.53
N ILE A 877 7.00 -39.71 -14.98
CA ILE A 877 5.68 -39.10 -15.11
C ILE A 877 5.56 -38.30 -16.40
N PHE A 878 6.53 -37.44 -16.68
CA PHE A 878 6.49 -36.55 -17.82
C PHE A 878 7.22 -37.17 -19.01
N ARG A 879 7.39 -36.39 -20.07
CA ARG A 879 8.12 -36.80 -21.25
C ARG A 879 9.33 -35.90 -21.42
N ASN A 880 10.20 -36.27 -22.37
CA ASN A 880 11.44 -35.52 -22.56
C ASN A 880 11.16 -34.10 -23.04
N VAL A 881 10.23 -33.93 -23.98
CA VAL A 881 9.95 -32.61 -24.52
C VAL A 881 9.29 -31.72 -23.46
N GLU A 882 8.34 -32.28 -22.70
CA GLU A 882 7.69 -31.50 -21.64
C GLU A 882 8.69 -31.09 -20.58
N LEU A 883 9.57 -32.00 -20.17
CA LEU A 883 10.57 -31.66 -19.16
C LEU A 883 11.56 -30.62 -19.68
N GLN A 884 11.98 -30.75 -20.94
CA GLN A 884 12.92 -29.79 -21.50
C GLN A 884 12.29 -28.41 -21.66
N CYS A 885 10.99 -28.35 -21.97
CA CYS A 885 10.32 -27.05 -22.07
C CYS A 885 10.10 -26.44 -20.70
N LEU A 886 9.63 -27.23 -19.73
CA LEU A 886 9.36 -26.70 -18.40
C LEU A 886 10.64 -26.41 -17.64
N ASP A 887 11.60 -27.31 -17.69
CA ASP A 887 12.88 -27.18 -16.98
C ASP A 887 13.97 -26.93 -18.02
N ALA A 888 14.22 -25.66 -18.31
CA ALA A 888 15.19 -25.26 -19.31
C ALA A 888 16.33 -24.48 -18.66
N ASP A 889 17.53 -24.64 -19.21
CA ASP A 889 18.69 -23.92 -18.68
C ASP A 889 18.53 -22.41 -18.86
N ASP A 890 18.00 -21.99 -19.99
CA ASP A 890 17.80 -20.57 -20.26
C ASP A 890 16.59 -20.33 -21.16
N SER B 402 -38.08 -11.51 -11.26
CA SER B 402 -37.10 -12.23 -12.06
C SER B 402 -35.70 -12.09 -11.46
N PRO B 403 -34.88 -13.14 -11.59
CA PRO B 403 -33.52 -13.08 -11.04
C PRO B 403 -32.66 -11.99 -11.64
N GLN B 404 -32.96 -11.56 -12.88
CA GLN B 404 -32.17 -10.51 -13.50
C GLN B 404 -32.32 -9.19 -12.74
N VAL B 405 -33.53 -8.90 -12.26
CA VAL B 405 -33.77 -7.64 -11.54
C VAL B 405 -33.06 -7.66 -10.19
N LEU B 406 -33.03 -8.81 -9.52
CA LEU B 406 -32.52 -8.86 -8.15
C LEU B 406 -31.02 -8.54 -8.10
N ALA B 407 -30.23 -9.11 -9.01
CA ALA B 407 -28.79 -8.88 -8.98
C ALA B 407 -28.45 -7.43 -9.27
N ALA B 408 -29.10 -6.84 -10.28
CA ALA B 408 -28.87 -5.43 -10.59
C ALA B 408 -29.32 -4.54 -9.44
N VAL B 409 -30.45 -4.88 -8.81
CA VAL B 409 -30.94 -4.11 -7.67
C VAL B 409 -29.92 -4.14 -6.54
N ILE B 410 -29.37 -5.32 -6.25
CA ILE B 410 -28.38 -5.44 -5.18
C ILE B 410 -27.14 -4.61 -5.50
N PHE B 411 -26.65 -4.73 -6.74
CA PHE B 411 -25.43 -4.01 -7.12
C PHE B 411 -25.62 -2.50 -7.03
N ILE B 412 -26.74 -2.00 -7.58
CA ILE B 412 -26.99 -0.56 -7.55
C ILE B 412 -27.25 -0.08 -6.13
N TYR B 413 -27.94 -0.90 -5.32
CA TYR B 413 -28.18 -0.54 -3.94
C TYR B 413 -26.88 -0.38 -3.17
N PHE B 414 -25.93 -1.30 -3.37
CA PHE B 414 -24.64 -1.15 -2.69
C PHE B 414 -23.86 0.04 -3.22
N ALA B 415 -23.85 0.22 -4.55
CA ALA B 415 -23.11 1.31 -5.15
C ALA B 415 -23.71 2.67 -4.84
N ALA B 416 -24.95 2.71 -4.38
CA ALA B 416 -25.57 3.94 -3.90
C ALA B 416 -25.47 4.11 -2.39
N LEU B 417 -25.46 3.00 -1.64
CA LEU B 417 -25.40 3.09 -0.19
C LEU B 417 -24.00 3.47 0.29
N SER B 418 -22.96 2.90 -0.32
CA SER B 418 -21.61 3.23 0.14
C SER B 418 -21.30 4.72 0.02
N PRO B 419 -21.50 5.38 -1.13
CA PRO B 419 -21.37 6.84 -1.15
C PRO B 419 -22.35 7.54 -0.23
N ALA B 420 -23.57 7.02 -0.10
CA ALA B 420 -24.54 7.63 0.80
C ALA B 420 -24.07 7.56 2.24
N ILE B 421 -23.54 6.42 2.67
CA ILE B 421 -23.03 6.28 4.03
C ILE B 421 -21.84 7.21 4.25
N THR B 422 -20.91 7.24 3.30
CA THR B 422 -19.73 8.08 3.45
C THR B 422 -20.10 9.55 3.53
N PHE B 423 -21.00 10.01 2.63
CA PHE B 423 -21.39 11.41 2.62
C PHE B 423 -22.24 11.75 3.84
N GLY B 424 -23.05 10.82 4.33
CA GLY B 424 -23.78 11.06 5.57
C GLY B 424 -22.85 11.23 6.75
N GLY B 425 -21.82 10.39 6.84
CA GLY B 425 -20.83 10.58 7.89
C GLY B 425 -20.11 11.92 7.79
N LEU B 426 -19.70 12.27 6.56
CA LEU B 426 -19.01 13.55 6.36
C LEU B 426 -19.91 14.73 6.71
N LEU B 427 -21.19 14.67 6.31
CA LEU B 427 -22.12 15.74 6.59
C LEU B 427 -22.41 15.85 8.08
N GLY B 428 -22.57 14.72 8.76
CA GLY B 428 -22.78 14.75 10.20
C GLY B 428 -21.59 15.30 10.95
N GLU B 429 -20.38 14.99 10.48
CA GLU B 429 -19.18 15.53 11.11
C GLU B 429 -19.06 17.03 10.85
N LYS B 430 -19.29 17.46 9.61
CA LYS B 430 -19.09 18.86 9.26
C LYS B 430 -20.17 19.76 9.85
N THR B 431 -21.44 19.34 9.74
CA THR B 431 -22.57 20.19 10.09
C THR B 431 -23.01 20.00 11.54
N ARG B 432 -22.14 19.48 12.40
CA ARG B 432 -22.45 19.27 13.82
C ARG B 432 -23.69 18.40 13.99
N ASN B 433 -23.81 17.38 13.14
CA ASN B 433 -24.89 16.39 13.18
C ASN B 433 -26.26 17.01 12.99
N GLN B 434 -26.34 18.24 12.46
CA GLN B 434 -27.63 18.77 12.07
C GLN B 434 -28.19 18.05 10.86
N MET B 435 -27.33 17.60 9.97
CA MET B 435 -27.70 16.75 8.84
C MET B 435 -26.71 15.59 8.79
N GLY B 436 -27.21 14.38 9.04
CA GLY B 436 -26.35 13.22 9.21
C GLY B 436 -26.71 12.11 8.25
N VAL B 437 -26.34 10.89 8.65
CA VAL B 437 -26.58 9.73 7.80
C VAL B 437 -28.06 9.42 7.68
N SER B 438 -28.81 9.61 8.76
CA SER B 438 -30.25 9.33 8.73
C SER B 438 -30.96 10.23 7.74
N GLU B 439 -30.73 11.55 7.83
CA GLU B 439 -31.37 12.48 6.92
C GLU B 439 -30.96 12.23 5.48
N LEU B 440 -29.67 12.00 5.24
CA LEU B 440 -29.20 11.74 3.88
C LEU B 440 -29.83 10.47 3.32
N LEU B 441 -29.90 9.41 4.13
CA LEU B 441 -30.47 8.15 3.65
C LEU B 441 -31.95 8.31 3.32
N ILE B 442 -32.72 8.95 4.20
CA ILE B 442 -34.15 9.08 3.95
C ILE B 442 -34.40 10.01 2.76
N SER B 443 -33.61 11.08 2.64
CA SER B 443 -33.74 11.96 1.48
C SER B 443 -33.42 11.23 0.19
N THR B 444 -32.34 10.45 0.19
CA THR B 444 -31.97 9.70 -1.00
C THR B 444 -33.07 8.72 -1.37
N ALA B 445 -33.64 8.03 -0.39
CA ALA B 445 -34.71 7.06 -0.68
C ALA B 445 -35.94 7.76 -1.26
N VAL B 446 -36.41 8.82 -0.60
CA VAL B 446 -37.63 9.48 -1.04
C VAL B 446 -37.45 10.08 -2.43
N GLN B 447 -36.32 10.77 -2.63
CA GLN B 447 -36.08 11.40 -3.93
C GLN B 447 -35.82 10.37 -5.01
N GLY B 448 -35.20 9.23 -4.69
CA GLY B 448 -35.05 8.18 -5.67
C GLY B 448 -36.37 7.56 -6.09
N ILE B 449 -37.26 7.32 -5.12
CA ILE B 449 -38.58 6.80 -5.44
C ILE B 449 -39.33 7.80 -6.33
N LEU B 450 -39.31 9.08 -5.95
CA LEU B 450 -40.03 10.08 -6.73
C LEU B 450 -39.43 10.24 -8.13
N PHE B 451 -38.11 10.19 -8.24
CA PHE B 451 -37.47 10.33 -9.54
C PHE B 451 -37.73 9.13 -10.43
N ALA B 452 -37.75 7.93 -9.85
CA ALA B 452 -38.11 6.75 -10.64
C ALA B 452 -39.54 6.85 -11.13
N LEU B 453 -40.46 7.30 -10.26
CA LEU B 453 -41.87 7.35 -10.65
C LEU B 453 -42.14 8.45 -11.67
N LEU B 454 -41.46 9.60 -11.55
CA LEU B 454 -41.81 10.76 -12.35
C LEU B 454 -40.60 11.34 -13.09
N GLY B 455 -39.60 10.53 -13.41
CA GLY B 455 -38.42 10.99 -14.10
C GLY B 455 -38.43 10.59 -15.57
N ALA B 456 -37.96 11.51 -16.42
CA ALA B 456 -37.88 11.22 -17.85
C ALA B 456 -36.90 10.09 -18.13
N GLN B 457 -35.75 10.10 -17.47
CA GLN B 457 -34.72 9.08 -17.64
C GLN B 457 -34.51 8.34 -16.33
N PRO B 458 -35.04 7.12 -16.19
CA PRO B 458 -34.85 6.37 -14.94
C PRO B 458 -33.40 5.95 -14.69
N LEU B 459 -32.53 6.01 -15.70
CA LEU B 459 -31.14 5.62 -15.50
C LEU B 459 -30.44 6.48 -14.47
N LEU B 460 -30.82 7.76 -14.38
CA LEU B 460 -30.24 8.64 -13.38
C LEU B 460 -30.64 8.18 -11.98
N VAL B 461 -29.67 8.15 -11.07
CA VAL B 461 -29.91 7.84 -9.67
C VAL B 461 -29.46 9.04 -8.84
N VAL B 462 -30.36 9.53 -7.98
CA VAL B 462 -30.10 10.77 -7.25
C VAL B 462 -29.40 10.44 -5.94
N GLY B 463 -28.39 11.23 -5.60
CA GLY B 463 -27.67 11.05 -4.36
C GLY B 463 -26.73 12.21 -4.09
N PHE B 464 -26.26 12.28 -2.86
CA PHE B 464 -25.33 13.32 -2.46
C PHE B 464 -24.00 13.15 -3.18
N SER B 465 -23.34 14.27 -3.44
CA SER B 465 -22.06 14.26 -4.13
C SER B 465 -21.11 15.23 -3.43
N GLY B 466 -19.87 15.24 -3.90
CA GLY B 466 -18.84 16.08 -3.34
C GLY B 466 -19.10 17.57 -3.39
N PRO B 467 -19.48 18.09 -4.57
CA PRO B 467 -19.79 19.53 -4.65
C PRO B 467 -20.89 19.96 -3.68
N LEU B 468 -21.92 19.14 -3.53
CA LEU B 468 -23.00 19.47 -2.61
C LEU B 468 -22.50 19.50 -1.17
N LEU B 469 -21.64 18.53 -0.81
CA LEU B 469 -21.06 18.52 0.54
C LEU B 469 -20.20 19.75 0.77
N VAL B 470 -19.42 20.16 -0.24
CA VAL B 470 -18.60 21.36 -0.11
C VAL B 470 -19.47 22.58 0.10
N PHE B 471 -20.55 22.71 -0.67
CA PHE B 471 -21.44 23.85 -0.50
C PHE B 471 -22.11 23.83 0.86
N GLU B 472 -22.50 22.65 1.34
CA GLU B 472 -23.11 22.55 2.66
C GLU B 472 -22.14 22.98 3.75
N GLU B 473 -20.88 22.57 3.65
CA GLU B 473 -19.88 23.00 4.61
C GLU B 473 -19.69 24.51 4.55
N ALA B 474 -19.62 25.08 3.34
CA ALA B 474 -19.44 26.52 3.21
C ALA B 474 -20.61 27.28 3.79
N PHE B 475 -21.85 26.82 3.52
CA PHE B 475 -23.03 27.47 4.07
C PHE B 475 -23.07 27.36 5.58
N PHE B 476 -22.69 26.20 6.13
CA PHE B 476 -22.64 26.05 7.58
C PHE B 476 -21.64 27.01 8.19
N SER B 477 -20.46 27.14 7.58
CA SER B 477 -19.47 28.08 8.09
C SER B 477 -19.97 29.52 8.01
N PHE B 478 -20.64 29.87 6.90
CA PHE B 478 -21.18 31.22 6.76
C PHE B 478 -22.23 31.51 7.81
N CYS B 479 -23.12 30.54 8.07
CA CYS B 479 -24.14 30.73 9.10
C CYS B 479 -23.52 30.84 10.49
N GLU B 480 -22.48 30.03 10.76
CA GLU B 480 -21.81 30.10 12.05
C GLU B 480 -21.14 31.46 12.24
N THR B 481 -20.48 31.98 11.20
CA THR B 481 -19.84 33.29 11.32
C THR B 481 -20.88 34.40 11.47
N ASN B 482 -21.99 34.31 10.74
CA ASN B 482 -23.02 35.33 10.79
C ASN B 482 -24.06 35.08 11.89
N GLY B 483 -23.94 33.98 12.62
CA GLY B 483 -24.89 33.70 13.70
C GLY B 483 -26.31 33.47 13.21
N LEU B 484 -26.47 32.72 12.13
CA LEU B 484 -27.77 32.40 11.57
C LEU B 484 -28.10 30.94 11.81
N GLU B 485 -29.37 30.61 11.62
CA GLU B 485 -29.82 29.22 11.71
C GLU B 485 -29.51 28.52 10.40
N TYR B 486 -28.70 27.47 10.47
CA TYR B 486 -28.28 26.77 9.26
C TYR B 486 -29.46 26.08 8.58
N ILE B 487 -30.31 25.41 9.36
CA ILE B 487 -31.40 24.63 8.78
C ILE B 487 -32.48 25.54 8.19
N VAL B 488 -32.78 26.65 8.86
CA VAL B 488 -33.77 27.58 8.32
C VAL B 488 -33.21 28.28 7.07
N GLY B 489 -31.91 28.59 7.08
CA GLY B 489 -31.28 29.09 5.88
C GLY B 489 -31.40 28.11 4.72
N ARG B 490 -31.22 26.82 5.00
CA ARG B 490 -31.42 25.81 3.96
C ARG B 490 -32.86 25.78 3.49
N VAL B 491 -33.81 25.96 4.41
CA VAL B 491 -35.22 26.00 4.02
C VAL B 491 -35.48 27.14 3.04
N TRP B 492 -34.92 28.32 3.33
CA TRP B 492 -35.14 29.46 2.45
C TRP B 492 -34.40 29.29 1.12
N ILE B 493 -33.22 28.67 1.14
CA ILE B 493 -32.55 28.34 -0.11
C ILE B 493 -33.40 27.39 -0.94
N GLY B 494 -34.07 26.44 -0.29
CA GLY B 494 -34.96 25.55 -1.01
C GLY B 494 -36.16 26.27 -1.60
N PHE B 495 -36.73 27.21 -0.85
CA PHE B 495 -37.80 28.05 -1.38
C PHE B 495 -37.34 28.76 -2.64
N TRP B 496 -36.17 29.39 -2.57
CA TRP B 496 -35.67 30.11 -3.74
C TRP B 496 -35.30 29.16 -4.88
N LEU B 497 -34.93 27.92 -4.56
CA LEU B 497 -34.69 26.93 -5.61
C LEU B 497 -35.98 26.55 -6.33
N ILE B 498 -37.07 26.40 -5.58
CA ILE B 498 -38.38 26.16 -6.20
C ILE B 498 -38.75 27.33 -7.08
N LEU B 499 -38.51 28.56 -6.60
CA LEU B 499 -38.77 29.73 -7.42
C LEU B 499 -37.92 29.71 -8.69
N LEU B 500 -36.65 29.32 -8.57
CA LEU B 500 -35.77 29.27 -9.73
C LEU B 500 -36.26 28.24 -10.75
N VAL B 501 -36.68 27.07 -10.29
CA VAL B 501 -37.10 26.05 -11.25
C VAL B 501 -38.43 26.41 -11.90
N VAL B 502 -39.32 27.07 -11.17
CA VAL B 502 -40.56 27.53 -11.81
C VAL B 502 -40.34 28.78 -12.65
N LEU B 503 -39.18 29.43 -12.54
CA LEU B 503 -38.84 30.55 -13.41
C LEU B 503 -38.13 30.11 -14.68
N VAL B 504 -37.24 29.11 -14.60
CA VAL B 504 -36.45 28.69 -15.75
C VAL B 504 -37.32 28.03 -16.81
N VAL B 505 -38.40 27.36 -16.41
CA VAL B 505 -39.24 26.64 -17.36
C VAL B 505 -39.80 27.60 -18.40
N ALA B 506 -40.19 28.81 -17.98
CA ALA B 506 -40.73 29.78 -18.92
C ALA B 506 -39.69 30.21 -19.95
N PHE B 507 -38.44 30.42 -19.51
CA PHE B 507 -37.40 30.93 -20.39
C PHE B 507 -36.67 29.83 -21.16
N GLU B 508 -36.73 28.59 -20.69
CA GLU B 508 -36.08 27.45 -21.35
C GLU B 508 -34.58 27.71 -21.55
N GLY B 509 -33.88 27.83 -20.43
CA GLY B 509 -32.45 28.08 -20.47
C GLY B 509 -31.63 26.84 -20.80
N SER B 510 -31.94 26.21 -21.92
CA SER B 510 -31.22 25.02 -22.37
C SER B 510 -30.05 25.33 -23.28
N PHE B 511 -29.88 26.59 -23.69
CA PHE B 511 -28.78 26.97 -24.56
C PHE B 511 -27.45 27.08 -23.82
N LEU B 512 -27.46 27.04 -22.49
CA LEU B 512 -26.22 27.15 -21.73
C LEU B 512 -25.38 25.88 -21.79
N VAL B 513 -25.92 24.79 -22.32
CA VAL B 513 -25.18 23.53 -22.37
C VAL B 513 -23.92 23.67 -23.19
N ARG B 514 -23.99 24.45 -24.28
CA ARG B 514 -22.80 24.67 -25.11
C ARG B 514 -21.73 25.45 -24.35
N PHE B 515 -22.13 26.27 -23.38
CA PHE B 515 -21.15 27.06 -22.65
C PHE B 515 -20.24 26.17 -21.80
N ILE B 516 -20.80 25.17 -21.14
CA ILE B 516 -19.99 24.24 -20.36
C ILE B 516 -19.24 23.32 -21.31
N SER B 517 -17.92 23.25 -21.14
CA SER B 517 -17.06 22.48 -22.02
C SER B 517 -16.16 21.58 -21.19
N ARG B 518 -15.29 20.84 -21.89
CA ARG B 518 -14.33 19.97 -21.21
C ARG B 518 -13.46 20.75 -20.24
N TYR B 519 -13.12 22.00 -20.58
CA TYR B 519 -12.37 22.86 -19.65
C TYR B 519 -13.03 22.87 -18.28
N THR B 520 -14.27 23.35 -18.21
CA THR B 520 -14.97 23.47 -16.94
C THR B 520 -15.21 22.11 -16.31
N GLN B 521 -15.56 21.10 -17.12
CA GLN B 521 -15.85 19.78 -16.55
C GLN B 521 -14.63 19.18 -15.87
N GLU B 522 -13.47 19.22 -16.54
CA GLU B 522 -12.26 18.66 -15.96
C GLU B 522 -11.78 19.48 -14.76
N ILE B 523 -11.90 20.80 -14.83
CA ILE B 523 -11.52 21.61 -13.67
C ILE B 523 -12.40 21.27 -12.48
N PHE B 524 -13.71 21.12 -12.70
CA PHE B 524 -14.63 20.77 -11.62
C PHE B 524 -14.30 19.41 -11.03
N SER B 525 -14.07 18.41 -11.88
CA SER B 525 -13.79 17.07 -11.38
C SER B 525 -12.47 17.02 -10.62
N PHE B 526 -11.43 17.71 -11.14
CA PHE B 526 -10.16 17.75 -10.44
C PHE B 526 -10.29 18.44 -9.09
N LEU B 527 -11.05 19.53 -9.04
CA LEU B 527 -11.28 20.21 -7.76
C LEU B 527 -12.00 19.30 -6.78
N ILE B 528 -12.99 18.55 -7.25
CA ILE B 528 -13.73 17.66 -6.36
C ILE B 528 -12.82 16.54 -5.83
N SER B 529 -11.99 15.96 -6.70
CA SER B 529 -11.08 14.91 -6.24
C SER B 529 -10.06 15.46 -5.25
N LEU B 530 -9.52 16.64 -5.52
CA LEU B 530 -8.58 17.27 -4.59
C LEU B 530 -9.25 17.55 -3.26
N ILE B 531 -10.52 17.97 -3.30
CA ILE B 531 -11.27 18.22 -2.06
C ILE B 531 -11.44 16.93 -1.28
N PHE B 532 -11.75 15.82 -1.97
CA PHE B 532 -11.88 14.54 -1.30
C PHE B 532 -10.59 14.15 -0.59
N ILE B 533 -9.46 14.25 -1.32
CA ILE B 533 -8.17 13.86 -0.74
C ILE B 533 -7.84 14.76 0.45
N TYR B 534 -8.06 16.07 0.30
CA TYR B 534 -7.75 17.01 1.38
C TYR B 534 -8.62 16.75 2.59
N GLU B 535 -9.90 16.44 2.39
CA GLU B 535 -10.78 16.15 3.51
C GLU B 535 -10.32 14.89 4.25
N THR B 536 -9.94 13.86 3.50
CA THR B 536 -9.45 12.63 4.13
C THR B 536 -8.19 12.90 4.96
N PHE B 537 -7.24 13.63 4.39
CA PHE B 537 -6.00 13.91 5.11
C PHE B 537 -6.23 14.82 6.30
N SER B 538 -7.16 15.78 6.17
CA SER B 538 -7.48 16.66 7.29
C SER B 538 -8.15 15.89 8.42
N LYS B 539 -9.01 14.93 8.08
CA LYS B 539 -9.60 14.07 9.11
C LYS B 539 -8.53 13.24 9.80
N LEU B 540 -7.57 12.73 9.03
CA LEU B 540 -6.47 11.98 9.64
C LEU B 540 -5.68 12.86 10.61
N ILE B 541 -5.38 14.09 10.20
CA ILE B 541 -4.64 15.01 11.06
C ILE B 541 -5.43 15.34 12.32
N LYS B 542 -6.75 15.55 12.17
CA LYS B 542 -7.59 15.82 13.34
C LYS B 542 -7.61 14.64 14.29
N ILE B 543 -7.67 13.42 13.76
CA ILE B 543 -7.65 12.24 14.61
C ILE B 543 -6.33 12.15 15.35
N PHE B 544 -5.22 12.41 14.66
CA PHE B 544 -3.91 12.34 15.32
C PHE B 544 -3.73 13.45 16.34
N GLN B 545 -4.37 14.61 16.13
CA GLN B 545 -4.26 15.69 17.11
C GLN B 545 -5.13 15.43 18.34
N ASP B 546 -6.31 14.83 18.12
CA ASP B 546 -7.20 14.55 19.25
C ASP B 546 -6.60 13.49 20.17
N HIS B 547 -5.97 12.47 19.60
CA HIS B 547 -5.37 11.37 20.36
C HIS B 547 -3.92 11.23 19.95
N PRO B 548 -3.05 12.12 20.44
CA PRO B 548 -1.65 12.09 20.00
C PRO B 548 -0.90 10.88 20.55
N LEU B 549 0.23 10.60 19.93
CA LEU B 549 1.08 9.48 20.32
C LEU B 549 1.91 9.90 21.52
N GLN B 550 1.50 9.46 22.71
CA GLN B 550 2.18 9.79 23.95
C GLN B 550 2.59 8.52 24.69
N LYS B 551 3.37 8.71 25.75
CA LYS B 551 3.78 7.58 26.56
C LYS B 551 2.80 7.31 27.71
N THR B 552 2.15 8.35 28.21
CA THR B 552 1.21 8.22 29.33
C THR B 552 -0.12 8.83 28.94
N TYR B 553 -1.20 8.09 29.14
CA TYR B 553 -2.56 8.55 28.92
C TYR B 553 -3.38 8.37 30.18
N ASN B 554 -4.31 9.29 30.41
CA ASN B 554 -5.30 9.12 31.47
C ASN B 554 -6.25 8.01 31.05
N TYR B 555 -6.10 6.83 31.65
CA TYR B 555 -6.88 5.68 31.22
C TYR B 555 -8.29 5.68 31.78
N ASN B 556 -8.63 6.64 32.63
CA ASN B 556 -9.99 6.84 33.13
C ASN B 556 -10.48 8.19 32.59
N VAL B 557 -11.04 8.17 31.38
CA VAL B 557 -11.54 9.37 30.73
C VAL B 557 -12.99 9.13 30.33
N LEU B 558 -13.83 10.14 30.58
CA LEU B 558 -15.23 10.05 30.19
C LEU B 558 -15.34 10.00 28.67
N MET B 559 -16.28 9.18 28.19
CA MET B 559 -16.47 9.00 26.76
C MET B 559 -17.94 9.03 26.36
N VAL B 560 -18.84 9.48 27.24
CA VAL B 560 -20.26 9.48 26.89
C VAL B 560 -20.58 10.40 25.71
N PRO B 561 -20.17 11.69 25.70
CA PRO B 561 -20.36 12.48 24.48
C PRO B 561 -19.38 12.08 23.39
N LYS B 562 -18.12 11.94 23.80
CA LYS B 562 -16.98 11.62 22.95
C LYS B 562 -15.77 11.49 23.85
N PRO B 563 -14.65 10.93 23.38
CA PRO B 563 -13.44 10.88 24.23
C PRO B 563 -13.00 12.27 24.62
N GLN B 564 -12.98 12.53 25.93
CA GLN B 564 -12.62 13.84 26.45
C GLN B 564 -11.12 14.05 26.57
N GLY B 565 -10.32 13.04 26.25
CA GLY B 565 -8.88 13.15 26.29
C GLY B 565 -8.21 12.22 25.31
N PRO B 566 -6.88 12.28 25.23
CA PRO B 566 -6.16 11.39 24.32
C PRO B 566 -6.35 9.93 24.69
N LEU B 567 -6.36 9.08 23.67
CA LEU B 567 -6.46 7.64 23.84
C LEU B 567 -5.27 6.95 23.17
N PRO B 568 -4.83 5.81 23.70
CA PRO B 568 -3.55 5.24 23.26
C PRO B 568 -3.49 4.84 21.80
N ASN B 569 -4.39 3.95 21.36
CA ASN B 569 -4.26 3.30 20.07
C ASN B 569 -5.30 3.78 19.05
N THR B 570 -6.00 4.87 19.34
CA THR B 570 -7.08 5.31 18.45
C THR B 570 -6.52 5.87 17.14
N ALA B 571 -5.52 6.75 17.23
CA ALA B 571 -5.02 7.44 16.03
C ALA B 571 -4.33 6.46 15.08
N LEU B 572 -3.46 5.60 15.61
CA LEU B 572 -2.74 4.67 14.76
C LEU B 572 -3.68 3.64 14.15
N LEU B 573 -4.66 3.16 14.92
CA LEU B 573 -5.62 2.21 14.36
C LEU B 573 -6.49 2.89 13.30
N SER B 574 -6.85 4.15 13.50
CA SER B 574 -7.62 4.86 12.48
C SER B 574 -6.82 5.01 11.19
N LEU B 575 -5.53 5.36 11.32
CA LEU B 575 -4.67 5.45 10.14
C LEU B 575 -4.55 4.10 9.45
N VAL B 576 -4.39 3.03 10.24
CA VAL B 576 -4.27 1.68 9.68
C VAL B 576 -5.54 1.31 8.94
N LEU B 577 -6.70 1.61 9.53
CA LEU B 577 -7.97 1.28 8.88
C LEU B 577 -8.17 2.06 7.59
N MET B 578 -7.83 3.35 7.59
CA MET B 578 -7.94 4.13 6.36
C MET B 578 -7.04 3.57 5.27
N ALA B 579 -5.77 3.31 5.61
CA ALA B 579 -4.83 2.80 4.63
C ALA B 579 -5.26 1.43 4.13
N GLY B 580 -5.74 0.57 5.02
CA GLY B 580 -6.17 -0.75 4.61
C GLY B 580 -7.40 -0.73 3.72
N THR B 581 -8.36 0.15 4.03
CA THR B 581 -9.53 0.27 3.19
C THR B 581 -9.15 0.77 1.80
N PHE B 582 -8.30 1.80 1.73
CA PHE B 582 -7.87 2.30 0.44
C PHE B 582 -7.12 1.24 -0.35
N PHE B 583 -6.21 0.53 0.32
CA PHE B 583 -5.41 -0.50 -0.36
C PHE B 583 -6.28 -1.63 -0.86
N PHE B 584 -7.24 -2.09 -0.04
CA PHE B 584 -8.10 -3.19 -0.46
C PHE B 584 -9.01 -2.78 -1.61
N ALA B 585 -9.55 -1.56 -1.55
CA ALA B 585 -10.40 -1.09 -2.65
C ALA B 585 -9.62 -0.99 -3.94
N MET B 586 -8.40 -0.43 -3.89
CA MET B 586 -7.58 -0.32 -5.09
C MET B 586 -7.17 -1.70 -5.61
N MET B 587 -6.85 -2.62 -4.71
CA MET B 587 -6.49 -3.97 -5.13
C MET B 587 -7.66 -4.70 -5.78
N LEU B 588 -8.85 -4.53 -5.24
CA LEU B 588 -10.03 -5.15 -5.85
C LEU B 588 -10.33 -4.53 -7.21
N ARG B 589 -10.14 -3.21 -7.35
CA ARG B 589 -10.29 -2.58 -8.65
C ARG B 589 -9.29 -3.14 -9.66
N LYS B 590 -8.03 -3.29 -9.25
CA LYS B 590 -7.02 -3.86 -10.12
C LYS B 590 -7.35 -5.30 -10.49
N PHE B 591 -7.86 -6.07 -9.52
CA PHE B 591 -8.28 -7.43 -9.79
C PHE B 591 -9.41 -7.47 -10.81
N LYS B 592 -10.36 -6.55 -10.69
CA LYS B 592 -11.40 -6.42 -11.71
C LYS B 592 -10.78 -6.14 -13.08
N ASN B 593 -9.74 -5.32 -13.12
CA ASN B 593 -9.04 -5.03 -14.37
C ASN B 593 -7.92 -6.02 -14.67
N SER B 594 -7.73 -7.04 -13.84
CA SER B 594 -6.66 -8.01 -14.02
C SER B 594 -7.13 -9.15 -14.93
N SER B 595 -6.32 -10.21 -15.00
CA SER B 595 -6.63 -11.37 -15.82
C SER B 595 -6.72 -12.67 -15.02
N TYR B 596 -6.83 -12.57 -13.69
CA TYR B 596 -6.90 -13.74 -12.83
C TYR B 596 -8.36 -14.15 -12.61
N PHE B 597 -8.54 -15.44 -12.29
CA PHE B 597 -9.83 -16.03 -11.94
C PHE B 597 -10.79 -16.02 -13.13
N PRO B 598 -11.88 -16.79 -13.09
CA PRO B 598 -12.85 -16.73 -14.18
C PRO B 598 -13.40 -15.33 -14.36
N GLY B 599 -13.66 -14.98 -15.62
CA GLY B 599 -14.07 -13.61 -15.93
C GLY B 599 -15.34 -13.18 -15.22
N LYS B 600 -16.33 -14.07 -15.18
CA LYS B 600 -17.59 -13.75 -14.51
C LYS B 600 -17.37 -13.50 -13.02
N LEU B 601 -16.70 -14.43 -12.35
CA LEU B 601 -16.44 -14.28 -10.92
C LEU B 601 -15.55 -13.09 -10.64
N ARG B 602 -14.52 -12.88 -11.47
CA ARG B 602 -13.63 -11.74 -11.27
C ARG B 602 -14.38 -10.43 -11.40
N ARG B 603 -15.24 -10.32 -12.43
CA ARG B 603 -16.02 -9.09 -12.60
C ARG B 603 -17.00 -8.89 -11.45
N VAL B 604 -17.63 -9.97 -10.99
CA VAL B 604 -18.57 -9.86 -9.87
C VAL B 604 -17.84 -9.37 -8.62
N ILE B 605 -16.67 -9.93 -8.34
CA ILE B 605 -15.91 -9.53 -7.17
C ILE B 605 -15.45 -8.08 -7.30
N GLY B 606 -14.97 -7.68 -8.49
CA GLY B 606 -14.51 -6.33 -8.68
C GLY B 606 -15.60 -5.29 -8.61
N ASP B 607 -16.81 -5.63 -9.06
CA ASP B 607 -17.92 -4.70 -8.98
C ASP B 607 -18.25 -4.36 -7.53
N PHE B 608 -18.16 -5.35 -6.64
CA PHE B 608 -18.42 -5.17 -5.22
C PHE B 608 -17.14 -4.89 -4.43
N GLY B 609 -16.16 -4.23 -5.05
CA GLY B 609 -14.91 -3.99 -4.35
C GLY B 609 -15.08 -3.11 -3.13
N VAL B 610 -15.82 -2.02 -3.27
CA VAL B 610 -16.04 -1.12 -2.14
C VAL B 610 -16.79 -1.79 -1.00
N PRO B 611 -17.92 -2.46 -1.21
CA PRO B 611 -18.57 -3.16 -0.09
C PRO B 611 -17.70 -4.24 0.53
N ILE B 612 -16.92 -4.96 -0.28
CA ILE B 612 -16.07 -6.02 0.25
C ILE B 612 -14.98 -5.44 1.14
N SER B 613 -14.33 -4.37 0.69
CA SER B 613 -13.29 -3.74 1.50
C SER B 613 -13.88 -3.14 2.77
N ILE B 614 -15.06 -2.52 2.66
CA ILE B 614 -15.71 -1.96 3.84
C ILE B 614 -16.02 -3.06 4.84
N LEU B 615 -16.55 -4.20 4.37
CA LEU B 615 -16.85 -5.31 5.26
C LEU B 615 -15.59 -5.86 5.92
N ILE B 616 -14.50 -5.98 5.14
CA ILE B 616 -13.26 -6.52 5.68
C ILE B 616 -12.74 -5.62 6.80
N MET B 617 -12.72 -4.31 6.56
CA MET B 617 -12.18 -3.41 7.58
C MET B 617 -13.13 -3.26 8.76
N VAL B 618 -14.43 -3.36 8.53
CA VAL B 618 -15.39 -3.34 9.64
C VAL B 618 -15.17 -4.56 10.52
N LEU B 619 -14.96 -5.74 9.93
CA LEU B 619 -14.66 -6.93 10.71
C LEU B 619 -13.34 -6.77 11.46
N VAL B 620 -12.33 -6.18 10.82
CA VAL B 620 -11.04 -6.00 11.46
C VAL B 620 -11.18 -5.12 12.69
N ASP B 621 -11.93 -4.03 12.58
CA ASP B 621 -12.17 -3.19 13.76
C ASP B 621 -13.06 -3.89 14.78
N PHE B 622 -13.98 -4.75 14.32
CA PHE B 622 -14.87 -5.45 15.23
C PHE B 622 -14.10 -6.44 16.11
N PHE B 623 -13.08 -7.09 15.56
CA PHE B 623 -12.30 -8.04 16.34
C PHE B 623 -11.20 -7.38 17.17
N ILE B 624 -11.00 -6.08 17.03
CA ILE B 624 -10.11 -5.32 17.93
C ILE B 624 -11.02 -4.69 18.99
N GLN B 625 -11.23 -5.45 20.06
CA GLN B 625 -12.27 -5.10 21.03
C GLN B 625 -11.87 -3.89 21.88
N ASP B 626 -10.63 -3.87 22.37
CA ASP B 626 -10.26 -2.89 23.37
C ASP B 626 -10.08 -1.49 22.78
N THR B 627 -9.45 -1.39 21.61
CA THR B 627 -9.16 -0.09 21.03
C THR B 627 -10.44 0.60 20.57
N TYR B 628 -10.53 1.91 20.83
CA TYR B 628 -11.67 2.72 20.45
C TYR B 628 -11.40 3.42 19.13
N THR B 629 -12.36 3.31 18.20
CA THR B 629 -12.34 4.05 16.96
C THR B 629 -13.70 4.70 16.76
N GLN B 630 -13.69 5.94 16.27
CA GLN B 630 -14.94 6.67 16.08
C GLN B 630 -15.81 5.94 15.05
N LYS B 631 -17.09 5.77 15.39
CA LYS B 631 -18.01 5.01 14.57
C LYS B 631 -19.07 5.92 13.96
N LEU B 632 -19.72 5.42 12.92
CA LEU B 632 -20.78 6.18 12.26
C LEU B 632 -21.95 6.38 13.22
N SER B 633 -22.45 7.61 13.28
CA SER B 633 -23.53 7.97 14.20
C SER B 633 -24.85 7.85 13.47
N VAL B 634 -25.56 6.75 13.73
CA VAL B 634 -26.86 6.48 13.13
C VAL B 634 -27.86 6.30 14.27
N PRO B 635 -28.96 7.04 14.30
CA PRO B 635 -29.97 6.84 15.33
C PRO B 635 -30.72 5.54 15.15
N ASP B 636 -31.27 5.04 16.24
CA ASP B 636 -32.06 3.80 16.22
C ASP B 636 -33.45 4.13 15.73
N GLY B 637 -33.70 3.90 14.45
CA GLY B 637 -34.98 4.21 13.85
C GLY B 637 -34.93 5.48 13.01
N PHE B 638 -36.11 5.88 12.56
CA PHE B 638 -36.27 7.09 11.74
C PHE B 638 -36.22 8.30 12.66
N LYS B 639 -35.03 8.84 12.85
CA LYS B 639 -34.82 9.97 13.75
C LYS B 639 -33.91 10.99 13.08
N VAL B 640 -33.99 12.24 13.57
CA VAL B 640 -33.26 13.35 12.97
C VAL B 640 -31.79 13.38 13.36
N SER B 641 -31.36 12.50 14.26
CA SER B 641 -29.96 12.35 14.69
C SER B 641 -29.50 13.50 15.56
N ASN B 642 -30.34 14.53 15.73
CA ASN B 642 -30.10 15.57 16.73
C ASN B 642 -31.46 16.10 17.16
N SER B 643 -32.00 15.51 18.24
CA SER B 643 -33.31 15.94 18.73
C SER B 643 -33.25 17.35 19.29
N SER B 644 -32.16 17.69 19.98
CA SER B 644 -32.04 19.03 20.56
C SER B 644 -31.91 20.09 19.48
N ALA B 645 -31.29 19.75 18.35
CA ALA B 645 -31.05 20.74 17.30
C ALA B 645 -32.33 21.08 16.56
N ARG B 646 -32.94 20.09 15.91
CA ARG B 646 -34.07 20.33 15.04
C ARG B 646 -35.01 19.12 15.04
N GLY B 647 -36.25 19.37 14.66
CA GLY B 647 -37.23 18.32 14.45
C GLY B 647 -37.30 17.93 12.97
N TRP B 648 -38.25 17.03 12.68
CA TRP B 648 -38.43 16.59 11.30
C TRP B 648 -38.84 17.73 10.39
N VAL B 649 -40.01 18.31 10.65
CA VAL B 649 -40.53 19.40 9.81
C VAL B 649 -39.95 20.71 10.34
N ILE B 650 -39.05 21.31 9.57
CA ILE B 650 -38.42 22.55 9.99
C ILE B 650 -39.41 23.69 9.85
N HIS B 651 -39.59 24.43 10.94
CA HIS B 651 -40.46 25.59 10.91
C HIS B 651 -39.74 26.77 10.27
N PRO B 652 -40.27 27.36 9.20
CA PRO B 652 -39.65 28.57 8.64
C PRO B 652 -39.77 29.74 9.61
N LEU B 653 -39.21 30.89 9.23
CA LEU B 653 -39.16 32.10 10.06
C LEU B 653 -38.32 31.92 11.32
N GLY B 654 -37.64 30.79 11.46
CA GLY B 654 -36.77 30.58 12.61
C GLY B 654 -37.15 29.38 13.45
N LEU B 655 -36.15 28.73 14.05
CA LEU B 655 -36.37 27.59 14.93
C LEU B 655 -36.15 27.94 16.39
N ARG B 656 -34.98 28.50 16.73
CA ARG B 656 -34.72 28.99 18.08
C ARG B 656 -34.69 30.51 18.17
N SER B 657 -34.58 31.21 17.04
CA SER B 657 -34.59 32.66 17.03
C SER B 657 -35.20 33.13 15.72
N GLU B 658 -35.69 34.36 15.72
CA GLU B 658 -36.35 34.90 14.55
C GLU B 658 -35.40 34.97 13.36
N PHE B 659 -35.84 34.48 12.21
CA PHE B 659 -35.03 34.54 11.00
C PHE B 659 -35.15 35.92 10.38
N PRO B 660 -34.04 36.62 10.14
CA PRO B 660 -34.12 37.97 9.59
C PRO B 660 -34.68 37.98 8.16
N ILE B 661 -35.41 39.05 7.85
CA ILE B 661 -35.99 39.19 6.52
C ILE B 661 -34.91 39.40 5.47
N TRP B 662 -33.84 40.11 5.82
CA TRP B 662 -32.76 40.34 4.86
C TRP B 662 -32.14 39.02 4.41
N MET B 663 -31.99 38.06 5.32
CA MET B 663 -31.51 36.75 4.93
C MET B 663 -32.51 36.03 4.04
N MET B 664 -33.80 36.20 4.30
CA MET B 664 -34.82 35.60 3.45
C MET B 664 -34.71 36.11 2.03
N PHE B 665 -34.47 37.42 1.87
CA PHE B 665 -34.35 37.98 0.53
C PHE B 665 -33.00 37.63 -0.11
N ALA B 666 -31.93 37.57 0.68
CA ALA B 666 -30.60 37.32 0.16
C ALA B 666 -30.30 35.83 -0.05
N SER B 667 -31.22 34.95 0.35
CA SER B 667 -31.05 33.52 0.10
C SER B 667 -31.11 33.17 -1.38
N ALA B 668 -31.51 34.11 -2.24
CA ALA B 668 -31.57 33.85 -3.67
C ALA B 668 -30.18 33.54 -4.23
N LEU B 669 -29.16 34.28 -3.80
CA LEU B 669 -27.81 34.05 -4.32
C LEU B 669 -27.28 32.67 -3.96
N PRO B 670 -27.36 32.19 -2.71
CA PRO B 670 -26.97 30.80 -2.45
C PRO B 670 -27.81 29.80 -3.24
N ALA B 671 -29.09 30.10 -3.48
CA ALA B 671 -29.89 29.23 -4.34
C ALA B 671 -29.36 29.22 -5.76
N LEU B 672 -28.91 30.38 -6.26
CA LEU B 672 -28.30 30.41 -7.58
C LEU B 672 -27.03 29.58 -7.62
N LEU B 673 -26.21 29.65 -6.57
CA LEU B 673 -25.00 28.85 -6.52
C LEU B 673 -25.31 27.35 -6.48
N VAL B 674 -26.33 26.97 -5.71
CA VAL B 674 -26.74 25.57 -5.67
C VAL B 674 -27.22 25.12 -7.04
N PHE B 675 -28.00 25.96 -7.73
CA PHE B 675 -28.46 25.62 -9.07
C PHE B 675 -27.30 25.47 -10.03
N ILE B 676 -26.29 26.33 -9.90
CA ILE B 676 -25.11 26.22 -10.75
C ILE B 676 -24.39 24.90 -10.50
N LEU B 677 -24.22 24.53 -9.23
CA LEU B 677 -23.55 23.28 -8.91
C LEU B 677 -24.32 22.08 -9.46
N ILE B 678 -25.64 22.08 -9.28
CA ILE B 678 -26.45 20.95 -9.74
C ILE B 678 -26.45 20.88 -11.25
N PHE B 679 -26.50 22.04 -11.93
CA PHE B 679 -26.46 22.07 -13.39
C PHE B 679 -25.13 21.54 -13.89
N LEU B 680 -24.02 21.93 -13.26
CA LEU B 680 -22.71 21.43 -13.67
C LEU B 680 -22.61 19.93 -13.47
N GLU B 681 -23.10 19.43 -12.34
CA GLU B 681 -23.07 17.98 -12.10
C GLU B 681 -23.92 17.24 -13.12
N SER B 682 -25.11 17.76 -13.42
CA SER B 682 -25.97 17.11 -14.40
C SER B 682 -25.31 17.09 -15.77
N GLN B 683 -24.65 18.18 -16.16
CA GLN B 683 -23.99 18.23 -17.45
C GLN B 683 -22.81 17.25 -17.51
N ILE B 684 -22.01 17.18 -16.45
CA ILE B 684 -20.86 16.27 -16.49
C ILE B 684 -21.33 14.82 -16.48
N THR B 685 -22.41 14.50 -15.77
CA THR B 685 -22.89 13.12 -15.74
C THR B 685 -23.56 12.72 -17.04
N THR B 686 -24.40 13.60 -17.60
CA THR B 686 -25.11 13.27 -18.82
C THR B 686 -24.16 13.22 -20.02
N LEU B 687 -23.29 14.21 -20.14
CA LEU B 687 -22.35 14.27 -21.25
C LEU B 687 -20.90 14.30 -20.76
N PHE B 702 -32.50 15.75 -19.74
CA PHE B 702 -31.33 16.63 -19.77
C PHE B 702 -31.69 18.00 -19.21
N HIS B 703 -32.93 18.42 -19.41
CA HIS B 703 -33.43 19.69 -18.87
C HIS B 703 -34.63 19.51 -17.95
N LEU B 704 -35.51 18.55 -18.24
CA LEU B 704 -36.67 18.34 -17.39
C LEU B 704 -36.28 17.63 -16.10
N ASP B 705 -35.36 16.66 -16.18
CA ASP B 705 -34.95 15.91 -15.00
C ASP B 705 -34.21 16.80 -14.02
N LEU B 706 -33.46 17.78 -14.51
CA LEU B 706 -32.78 18.71 -13.61
C LEU B 706 -33.78 19.52 -12.79
N LEU B 707 -34.87 19.95 -13.43
CA LEU B 707 -35.89 20.71 -12.72
C LEU B 707 -36.54 19.87 -11.63
N LEU B 708 -36.78 18.59 -11.91
CA LEU B 708 -37.39 17.72 -10.91
C LEU B 708 -36.49 17.53 -9.70
N VAL B 709 -35.19 17.32 -9.93
CA VAL B 709 -34.27 17.10 -8.82
C VAL B 709 -34.16 18.35 -7.96
N VAL B 710 -33.99 19.51 -8.59
CA VAL B 710 -33.91 20.76 -7.83
C VAL B 710 -35.25 21.09 -7.19
N GLY B 711 -36.34 20.82 -7.90
CA GLY B 711 -37.65 21.04 -7.32
C GLY B 711 -37.90 20.18 -6.10
N MET B 712 -37.48 18.91 -6.15
CA MET B 712 -37.56 18.05 -4.97
C MET B 712 -36.59 18.52 -3.90
N GLY B 713 -35.43 19.03 -4.30
CA GLY B 713 -34.48 19.54 -3.32
C GLY B 713 -35.03 20.72 -2.54
N GLY B 714 -35.83 21.57 -3.19
CA GLY B 714 -36.47 22.65 -2.48
C GLY B 714 -37.47 22.16 -1.45
N VAL B 715 -38.27 21.15 -1.82
CA VAL B 715 -39.22 20.57 -0.87
C VAL B 715 -38.49 19.82 0.23
N ALA B 716 -37.41 19.10 -0.13
CA ALA B 716 -36.65 18.35 0.87
C ALA B 716 -35.98 19.25 1.89
N ALA B 717 -35.71 20.51 1.53
CA ALA B 717 -35.12 21.44 2.49
C ALA B 717 -36.09 21.76 3.62
N LEU B 718 -37.40 21.74 3.34
CA LEU B 718 -38.39 22.03 4.37
C LEU B 718 -38.33 21.04 5.52
N PHE B 719 -37.93 19.81 5.25
CA PHE B 719 -37.83 18.77 6.26
C PHE B 719 -36.40 18.57 6.75
N GLY B 720 -35.49 19.46 6.38
CA GLY B 720 -34.10 19.33 6.77
C GLY B 720 -33.30 18.34 5.96
N MET B 721 -33.88 17.76 4.92
CA MET B 721 -33.18 16.80 4.09
C MET B 721 -32.29 17.51 3.08
N PRO B 722 -31.19 16.87 2.67
CA PRO B 722 -30.31 17.48 1.67
C PRO B 722 -30.91 17.41 0.28
N TRP B 723 -30.32 18.19 -0.62
CA TRP B 723 -30.65 18.12 -2.03
C TRP B 723 -29.62 17.26 -2.77
N LEU B 724 -30.07 16.60 -3.82
CA LEU B 724 -29.27 15.62 -4.54
C LEU B 724 -28.96 16.15 -5.94
N SER B 725 -28.29 15.31 -6.73
CA SER B 725 -27.83 15.69 -8.06
C SER B 725 -28.11 14.54 -9.03
N ALA B 726 -27.50 14.61 -10.21
CA ALA B 726 -27.79 13.65 -11.27
C ALA B 726 -27.06 12.33 -11.04
N THR B 727 -25.73 12.35 -11.05
CA THR B 727 -24.88 11.20 -10.74
C THR B 727 -25.25 9.98 -11.60
N THR B 728 -25.02 10.10 -12.90
CA THR B 728 -25.30 9.01 -13.83
C THR B 728 -24.21 7.95 -13.71
N VAL B 729 -24.51 6.85 -13.02
CA VAL B 729 -23.58 5.73 -12.88
C VAL B 729 -24.29 4.43 -13.19
N ARG B 730 -25.63 4.47 -13.24
CA ARG B 730 -26.43 3.26 -13.39
C ARG B 730 -26.50 2.76 -14.82
N SER B 731 -26.07 3.57 -15.80
CA SER B 731 -26.23 3.16 -17.20
C SER B 731 -25.27 2.04 -17.58
N VAL B 732 -24.10 1.99 -16.94
CA VAL B 732 -23.08 1.01 -17.34
C VAL B 732 -23.53 -0.41 -17.03
N THR B 733 -24.24 -0.60 -15.91
CA THR B 733 -24.66 -1.94 -15.52
C THR B 733 -26.07 -2.29 -15.97
N HIS B 734 -26.96 -1.30 -16.05
CA HIS B 734 -28.36 -1.47 -16.44
C HIS B 734 -29.00 -2.74 -15.88
N ILE B 753 -39.70 -0.20 -24.19
CA ILE B 753 -40.66 0.15 -23.15
C ILE B 753 -40.53 -0.82 -21.97
N GLN B 754 -40.38 -2.11 -22.29
CA GLN B 754 -40.15 -3.10 -21.24
C GLN B 754 -38.86 -2.83 -20.51
N GLU B 755 -37.80 -2.45 -21.23
CA GLU B 755 -36.54 -2.08 -20.59
C GLU B 755 -36.73 -0.86 -19.69
N VAL B 756 -37.54 0.10 -20.13
CA VAL B 756 -37.80 1.28 -19.30
C VAL B 756 -38.53 0.88 -18.03
N LYS B 757 -39.51 -0.02 -18.14
CA LYS B 757 -40.21 -0.49 -16.95
C LYS B 757 -39.27 -1.22 -16.00
N GLU B 758 -38.38 -2.05 -16.54
CA GLU B 758 -37.42 -2.76 -15.69
C GLU B 758 -36.50 -1.79 -14.97
N GLN B 759 -36.01 -0.77 -15.69
CA GLN B 759 -35.15 0.24 -15.06
C GLN B 759 -35.90 1.00 -13.98
N ARG B 760 -37.16 1.34 -14.24
CA ARG B 760 -37.97 2.05 -13.25
C ARG B 760 -38.15 1.21 -11.99
N ILE B 761 -38.48 -0.06 -12.15
CA ILE B 761 -38.69 -0.93 -11.00
C ILE B 761 -37.39 -1.13 -10.23
N SER B 762 -36.28 -1.32 -10.95
CA SER B 762 -34.99 -1.49 -10.28
C SER B 762 -34.61 -0.24 -9.48
N GLY B 763 -34.81 0.94 -10.06
CA GLY B 763 -34.51 2.16 -9.33
C GLY B 763 -35.40 2.33 -8.11
N LEU B 764 -36.70 2.03 -8.24
CA LEU B 764 -37.60 2.15 -7.10
C LEU B 764 -37.20 1.18 -5.98
N LEU B 765 -36.86 -0.06 -6.34
CA LEU B 765 -36.45 -1.04 -5.34
C LEU B 765 -35.14 -0.63 -4.68
N VAL B 766 -34.19 -0.08 -5.45
CA VAL B 766 -32.94 0.39 -4.88
C VAL B 766 -33.20 1.53 -3.90
N ALA B 767 -34.08 2.46 -4.25
CA ALA B 767 -34.40 3.55 -3.34
C ALA B 767 -35.07 3.04 -2.06
N VAL B 768 -35.99 2.07 -2.21
CA VAL B 768 -36.66 1.51 -1.04
C VAL B 768 -35.65 0.81 -0.13
N LEU B 769 -34.72 0.05 -0.72
CA LEU B 769 -33.69 -0.61 0.08
C LEU B 769 -32.78 0.40 0.76
N VAL B 770 -32.44 1.49 0.09
CA VAL B 770 -31.63 2.54 0.71
C VAL B 770 -32.36 3.12 1.90
N GLY B 771 -33.66 3.36 1.76
CA GLY B 771 -34.45 3.88 2.88
C GLY B 771 -34.53 2.91 4.03
N LEU B 772 -34.74 1.63 3.74
CA LEU B 772 -34.80 0.61 4.79
C LEU B 772 -33.43 0.31 5.39
N SER B 773 -32.35 0.76 4.75
CA SER B 773 -31.03 0.58 5.32
C SER B 773 -30.85 1.34 6.63
N ILE B 774 -31.73 2.29 6.93
CA ILE B 774 -31.68 2.96 8.22
C ILE B 774 -32.17 2.05 9.33
N LEU B 775 -32.86 0.95 9.00
CA LEU B 775 -33.36 0.03 10.02
C LEU B 775 -32.23 -0.79 10.62
N MET B 776 -31.23 -1.16 9.82
CA MET B 776 -30.11 -1.95 10.33
C MET B 776 -29.12 -1.06 11.05
N GLU B 777 -29.59 -0.31 12.05
CA GLU B 777 -28.70 0.53 12.84
C GLU B 777 -27.58 -0.23 13.52
N PRO B 778 -27.79 -1.43 14.10
CA PRO B 778 -26.64 -2.14 14.70
C PRO B 778 -25.51 -2.39 13.73
N ILE B 779 -25.82 -2.67 12.46
CA ILE B 779 -24.77 -2.91 11.48
C ILE B 779 -24.03 -1.61 11.16
N LEU B 780 -24.75 -0.51 10.98
CA LEU B 780 -24.12 0.74 10.58
C LEU B 780 -23.36 1.40 11.73
N SER B 781 -23.77 1.13 12.96
CA SER B 781 -23.11 1.74 14.13
C SER B 781 -21.76 1.12 14.41
N ARG B 782 -21.41 0.01 13.77
CA ARG B 782 -20.11 -0.63 13.93
C ARG B 782 -19.19 -0.38 12.75
N ILE B 783 -19.56 0.54 11.86
CA ILE B 783 -18.71 0.91 10.74
C ILE B 783 -17.86 2.11 11.17
N PRO B 784 -16.55 1.96 11.30
CA PRO B 784 -15.72 3.10 11.72
C PRO B 784 -15.68 4.19 10.67
N LEU B 785 -15.48 5.41 11.14
CA LEU B 785 -15.32 6.54 10.21
C LEU B 785 -14.03 6.45 9.42
N ALA B 786 -13.02 5.76 9.96
CA ALA B 786 -11.77 5.59 9.22
C ALA B 786 -11.97 4.81 7.94
N VAL B 787 -12.81 3.77 7.99
CA VAL B 787 -13.11 2.99 6.78
C VAL B 787 -13.78 3.87 5.75
N LEU B 788 -14.75 4.68 6.18
CA LEU B 788 -15.45 5.56 5.25
C LEU B 788 -14.52 6.62 4.67
N PHE B 789 -13.56 7.12 5.45
CA PHE B 789 -12.63 8.11 4.91
C PHE B 789 -11.62 7.46 3.96
N GLY B 790 -11.25 6.20 4.21
CA GLY B 790 -10.47 5.47 3.22
C GLY B 790 -11.23 5.30 1.92
N ILE B 791 -12.52 5.02 2.01
CA ILE B 791 -13.36 4.94 0.82
C ILE B 791 -13.44 6.30 0.13
N PHE B 792 -13.47 7.37 0.92
CA PHE B 792 -13.45 8.73 0.37
C PHE B 792 -12.19 8.98 -0.44
N LEU B 793 -11.04 8.61 0.13
CA LEU B 793 -9.77 8.76 -0.59
C LEU B 793 -9.74 7.92 -1.85
N TYR B 794 -10.26 6.70 -1.77
CA TYR B 794 -10.32 5.84 -2.95
C TYR B 794 -11.21 6.45 -4.03
N MET B 795 -12.34 7.02 -3.62
CA MET B 795 -13.24 7.65 -4.58
C MET B 795 -12.57 8.83 -5.27
N GLY B 796 -11.85 9.65 -4.50
CA GLY B 796 -11.13 10.76 -5.11
C GLY B 796 -10.06 10.30 -6.09
N VAL B 797 -9.28 9.29 -5.68
CA VAL B 797 -8.21 8.79 -6.55
C VAL B 797 -8.79 8.21 -7.84
N THR B 798 -9.88 7.44 -7.73
CA THR B 798 -10.48 6.87 -8.93
C THR B 798 -11.13 7.93 -9.80
N SER B 799 -11.69 8.98 -9.20
CA SER B 799 -12.24 10.08 -10.00
C SER B 799 -11.14 10.82 -10.74
N LEU B 800 -9.93 10.86 -10.18
CA LEU B 800 -8.82 11.49 -10.88
C LEU B 800 -8.43 10.75 -12.16
N SER B 801 -8.87 9.51 -12.33
CA SER B 801 -8.30 8.65 -13.38
C SER B 801 -8.66 9.16 -14.77
N GLY B 802 -9.93 9.44 -15.02
CA GLY B 802 -10.37 9.74 -16.37
C GLY B 802 -10.24 11.18 -16.82
N ILE B 803 -9.63 12.04 -16.01
CA ILE B 803 -9.57 13.47 -16.33
C ILE B 803 -8.38 13.74 -17.24
N GLN B 804 -8.63 14.44 -18.34
CA GLN B 804 -7.54 14.83 -19.24
C GLN B 804 -6.61 15.83 -18.58
N LEU B 805 -7.13 16.69 -17.70
CA LEU B 805 -6.27 17.60 -16.96
C LEU B 805 -5.27 16.85 -16.10
N PHE B 806 -5.72 15.76 -15.46
CA PHE B 806 -4.81 14.92 -14.70
C PHE B 806 -3.76 14.29 -15.61
N ASP B 807 -4.17 13.86 -16.81
CA ASP B 807 -3.22 13.27 -17.74
C ASP B 807 -2.15 14.27 -18.15
N ARG B 808 -2.54 15.52 -18.43
CA ARG B 808 -1.54 16.52 -18.80
C ARG B 808 -0.68 16.93 -17.62
N ILE B 809 -1.25 16.93 -16.41
CA ILE B 809 -0.44 17.21 -15.21
C ILE B 809 0.60 16.12 -15.03
N LEU B 810 0.24 14.87 -15.27
CA LEU B 810 1.22 13.78 -15.24
C LEU B 810 2.26 13.96 -16.34
N LEU B 811 1.83 14.37 -17.53
CA LEU B 811 2.76 14.60 -18.64
C LEU B 811 3.73 15.75 -18.34
N LEU B 812 3.35 16.66 -17.46
CA LEU B 812 4.27 17.71 -17.04
C LEU B 812 5.57 17.13 -16.49
N PHE B 813 5.50 15.94 -15.90
CA PHE B 813 6.68 15.28 -15.33
C PHE B 813 7.34 14.29 -16.27
N LYS B 814 6.60 13.73 -17.22
CA LYS B 814 7.20 12.81 -18.17
C LYS B 814 8.03 13.57 -19.20
N PRO B 815 9.15 12.99 -19.65
CA PRO B 815 9.88 13.60 -20.75
C PRO B 815 9.04 13.59 -22.01
N PRO B 816 9.28 14.54 -22.92
CA PRO B 816 8.42 14.63 -24.12
C PRO B 816 8.41 13.38 -24.98
N LYS B 817 9.49 12.58 -24.96
CA LYS B 817 9.51 11.37 -25.75
C LYS B 817 8.53 10.33 -25.21
N TYR B 818 8.20 10.39 -23.93
CA TYR B 818 7.29 9.43 -23.31
C TYR B 818 5.84 9.86 -23.37
N HIS B 819 5.54 11.00 -23.97
CA HIS B 819 4.15 11.45 -24.07
C HIS B 819 3.36 10.51 -24.99
N PRO B 820 2.11 10.21 -24.67
CA PRO B 820 1.34 9.28 -25.48
C PRO B 820 0.96 9.88 -26.82
N ASP B 821 0.54 9.00 -27.73
CA ASP B 821 0.10 9.43 -29.07
C ASP B 821 -1.35 9.86 -28.98
N VAL B 822 -1.53 11.11 -28.54
CA VAL B 822 -2.85 11.70 -28.40
C VAL B 822 -2.86 12.99 -29.21
N PRO B 823 -4.04 13.44 -29.67
CA PRO B 823 -4.07 14.63 -30.54
C PRO B 823 -3.44 15.87 -29.94
N TYR B 824 -3.62 16.12 -28.64
CA TYR B 824 -3.09 17.36 -28.08
C TYR B 824 -1.58 17.30 -27.91
N VAL B 825 -1.01 16.11 -27.70
CA VAL B 825 0.45 15.99 -27.67
C VAL B 825 1.02 16.16 -29.07
N LYS B 826 0.41 15.51 -30.06
CA LYS B 826 0.99 15.46 -31.40
C LYS B 826 0.83 16.79 -32.13
N ARG B 827 -0.34 17.41 -32.05
CA ARG B 827 -0.65 18.59 -32.85
C ARG B 827 -0.43 19.91 -32.12
N VAL B 828 0.06 19.87 -30.88
CA VAL B 828 0.36 21.07 -30.12
C VAL B 828 1.78 20.99 -29.61
N LYS B 829 2.49 22.12 -29.60
CA LYS B 829 3.83 22.17 -29.04
C LYS B 829 3.79 21.79 -27.56
N THR B 830 4.84 21.11 -27.11
CA THR B 830 4.88 20.64 -25.73
C THR B 830 4.81 21.80 -24.75
N TRP B 831 5.52 22.90 -25.03
CA TRP B 831 5.45 24.04 -24.12
C TRP B 831 4.09 24.72 -24.17
N ARG B 832 3.40 24.69 -25.31
CA ARG B 832 2.04 25.22 -25.36
C ARG B 832 1.08 24.38 -24.53
N MET B 833 1.19 23.06 -24.62
CA MET B 833 0.36 22.18 -23.80
C MET B 833 0.66 22.39 -22.32
N HIS B 834 1.95 22.56 -21.97
CA HIS B 834 2.30 22.82 -20.59
C HIS B 834 1.79 24.17 -20.12
N LEU B 835 1.75 25.17 -21.00
CA LEU B 835 1.16 26.45 -20.64
C LEU B 835 -0.34 26.32 -20.39
N PHE B 836 -1.02 25.53 -21.23
CA PHE B 836 -2.44 25.26 -21.00
C PHE B 836 -2.66 24.59 -19.64
N THR B 837 -1.84 23.59 -19.33
CA THR B 837 -1.94 22.90 -18.06
C THR B 837 -1.64 23.86 -16.90
N GLY B 838 -0.67 24.75 -17.08
CA GLY B 838 -0.36 25.71 -16.03
C GLY B 838 -1.49 26.69 -15.79
N ILE B 839 -2.17 27.12 -16.86
CA ILE B 839 -3.32 28.00 -16.70
C ILE B 839 -4.43 27.28 -15.94
N GLN B 840 -4.67 26.01 -16.28
CA GLN B 840 -5.67 25.25 -15.53
C GLN B 840 -5.26 25.05 -14.08
N ILE B 841 -3.96 24.87 -13.82
CA ILE B 841 -3.47 24.75 -12.46
C ILE B 841 -3.68 26.05 -11.69
N ILE B 842 -3.45 27.19 -12.35
CA ILE B 842 -3.70 28.47 -11.71
C ILE B 842 -5.18 28.63 -11.39
N CYS B 843 -6.06 28.18 -12.30
CA CYS B 843 -7.49 28.22 -12.02
C CYS B 843 -7.84 27.36 -10.81
N LEU B 844 -7.25 26.16 -10.72
CA LEU B 844 -7.50 25.30 -9.58
C LEU B 844 -7.00 25.94 -8.29
N ALA B 845 -5.84 26.58 -8.34
CA ALA B 845 -5.30 27.24 -7.16
C ALA B 845 -6.19 28.41 -6.72
N VAL B 846 -6.71 29.17 -7.68
CA VAL B 846 -7.63 30.26 -7.35
C VAL B 846 -8.89 29.70 -6.71
N LEU B 847 -9.41 28.60 -7.25
CA LEU B 847 -10.60 27.98 -6.65
C LEU B 847 -10.31 27.50 -5.24
N TRP B 848 -9.15 26.91 -5.01
CA TRP B 848 -8.78 26.46 -3.68
C TRP B 848 -8.66 27.62 -2.70
N VAL B 849 -8.06 28.73 -3.15
CA VAL B 849 -7.94 29.91 -2.31
C VAL B 849 -9.32 30.46 -1.96
N VAL B 850 -10.22 30.50 -2.95
CA VAL B 850 -11.59 30.97 -2.70
C VAL B 850 -12.28 30.07 -1.68
N LYS B 851 -12.11 28.76 -1.83
CA LYS B 851 -12.71 27.82 -0.88
C LYS B 851 -12.16 28.03 0.53
N SER B 852 -10.85 28.25 0.64
CA SER B 852 -10.26 28.51 1.95
C SER B 852 -10.66 29.89 2.48
N THR B 853 -10.85 30.85 1.59
CA THR B 853 -11.28 32.18 2.00
C THR B 853 -12.68 32.12 2.61
N PRO B 854 -12.96 32.96 3.61
CA PRO B 854 -14.32 33.01 4.18
C PRO B 854 -15.42 33.18 3.15
N ALA B 855 -15.09 33.75 1.99
CA ALA B 855 -16.05 33.85 0.89
C ALA B 855 -16.06 32.57 0.07
N SER B 856 -16.25 31.43 0.75
CA SER B 856 -16.28 30.15 0.06
C SER B 856 -17.60 29.89 -0.66
N LEU B 857 -18.67 30.60 -0.27
CA LEU B 857 -19.96 30.41 -0.93
C LEU B 857 -19.88 30.77 -2.41
N ALA B 858 -18.94 31.64 -2.78
CA ALA B 858 -18.76 32.02 -4.17
C ALA B 858 -18.00 30.99 -4.99
N LEU B 859 -17.67 29.84 -4.39
CA LEU B 859 -16.94 28.81 -5.13
C LEU B 859 -17.65 28.35 -6.40
N PRO B 860 -18.97 28.10 -6.42
CA PRO B 860 -19.59 27.74 -7.71
C PRO B 860 -19.45 28.83 -8.76
N PHE B 861 -19.85 30.07 -8.43
CA PHE B 861 -19.79 31.17 -9.38
C PHE B 861 -18.39 31.31 -9.97
N VAL B 862 -17.38 31.34 -9.10
CA VAL B 862 -16.00 31.46 -9.57
C VAL B 862 -15.66 30.35 -10.54
N LEU B 863 -16.11 29.13 -10.24
CA LEU B 863 -15.85 28.01 -11.14
C LEU B 863 -16.52 28.24 -12.50
N ILE B 864 -17.74 28.77 -12.50
CA ILE B 864 -18.41 29.06 -13.76
C ILE B 864 -17.68 30.19 -14.50
N LEU B 865 -16.88 30.97 -13.78
CA LEU B 865 -16.04 31.99 -14.43
C LEU B 865 -14.99 31.37 -15.34
N THR B 866 -14.75 30.06 -15.24
CA THR B 866 -13.87 29.40 -16.20
C THR B 866 -14.52 29.25 -17.57
N VAL B 867 -15.82 29.51 -17.68
CA VAL B 867 -16.51 29.42 -18.96
C VAL B 867 -16.13 30.62 -19.85
N PRO B 868 -16.26 31.87 -19.38
CA PRO B 868 -15.78 32.98 -20.23
C PRO B 868 -14.29 32.90 -20.53
N LEU B 869 -13.49 32.44 -19.56
CA LEU B 869 -12.05 32.37 -19.75
C LEU B 869 -11.68 31.50 -20.95
N ARG B 870 -12.33 30.34 -21.07
CA ARG B 870 -12.10 29.50 -22.24
C ARG B 870 -12.61 30.18 -23.52
N ARG B 871 -13.69 30.94 -23.41
CA ARG B 871 -14.35 31.49 -24.60
C ARG B 871 -13.75 32.82 -25.04
N VAL B 872 -13.47 33.73 -24.12
CA VAL B 872 -13.08 35.08 -24.48
C VAL B 872 -11.62 35.40 -24.16
N LEU B 873 -10.94 34.59 -23.35
CA LEU B 873 -9.56 34.86 -22.96
C LEU B 873 -8.56 33.87 -23.52
N LEU B 874 -8.85 32.58 -23.47
CA LEU B 874 -7.93 31.59 -24.04
C LEU B 874 -7.66 31.80 -25.53
N PRO B 875 -8.64 32.12 -26.39
CA PRO B 875 -8.31 32.35 -27.81
C PRO B 875 -7.32 33.47 -28.04
N LEU B 876 -7.22 34.43 -27.11
CA LEU B 876 -6.19 35.47 -27.23
C LEU B 876 -4.79 34.87 -27.12
N ILE B 877 -4.61 33.90 -26.23
CA ILE B 877 -3.29 33.30 -26.01
C ILE B 877 -3.03 32.16 -26.99
N PHE B 878 -3.98 31.25 -27.14
CA PHE B 878 -3.80 30.08 -27.97
C PHE B 878 -4.38 30.30 -29.36
N ARG B 879 -4.36 29.24 -30.17
CA ARG B 879 -4.92 29.25 -31.52
C ARG B 879 -6.15 28.35 -31.56
N ASN B 880 -6.86 28.41 -32.68
CA ASN B 880 -8.07 27.60 -32.83
C ASN B 880 -7.74 26.11 -32.83
N VAL B 881 -6.68 25.70 -33.53
CA VAL B 881 -6.34 24.29 -33.60
C VAL B 881 -5.86 23.79 -32.24
N GLU B 882 -5.04 24.58 -31.55
CA GLU B 882 -4.56 24.18 -30.23
C GLU B 882 -5.71 24.05 -29.24
N LEU B 883 -6.65 25.00 -29.26
CA LEU B 883 -7.79 24.92 -28.36
C LEU B 883 -8.70 23.75 -28.70
N GLN B 884 -8.90 23.48 -30.00
CA GLN B 884 -9.73 22.36 -30.40
C GLN B 884 -9.11 21.03 -29.98
N CYS B 885 -7.78 20.90 -30.11
CA CYS B 885 -7.12 19.65 -29.73
C CYS B 885 -7.08 19.48 -28.22
N LEU B 886 -6.72 20.54 -27.49
CA LEU B 886 -6.61 20.44 -26.04
C LEU B 886 -7.98 20.32 -25.39
N ASP B 887 -8.93 21.15 -25.80
CA ASP B 887 -10.28 21.15 -25.25
C ASP B 887 -11.23 20.68 -26.34
N ALA B 888 -11.67 19.43 -26.23
CA ALA B 888 -12.53 18.82 -27.24
C ALA B 888 -13.73 18.18 -26.56
N ASP B 889 -14.85 18.12 -27.29
CA ASP B 889 -16.06 17.51 -26.76
C ASP B 889 -15.85 16.02 -26.49
N ASP B 890 -15.16 15.33 -27.39
CA ASP B 890 -14.91 13.90 -27.22
C ASP B 890 -13.62 13.49 -27.91
C1 PIO C . -13.85 -19.14 -18.79
O1 PIO C . -13.16 -20.10 -18.01
P1 PIO C . -12.07 -21.19 -18.61
C2 PIO C . -14.59 -19.73 -20.00
O2 PIO C . -13.70 -20.31 -20.91
C3 PIO C . -15.35 -18.64 -20.76
O3 PIO C . -15.96 -19.21 -21.89
C4 PIO C . -14.38 -17.53 -21.21
O4 PIO C . -15.08 -16.53 -21.90
P4 PIO C . -14.71 -16.29 -23.48
C5 PIO C . -13.65 -16.91 -20.00
O5 PIO C . -12.76 -15.94 -20.45
P5 PIO C . -12.95 -14.40 -19.89
C6 PIO C . -12.90 -17.99 -19.20
O6 PIO C . -12.37 -17.39 -18.04
O11 PIO C . -11.54 -20.73 -19.94
O12 PIO C . -12.75 -22.52 -18.78
O13 PIO C . -10.82 -21.34 -17.55
C1A PIO C . -12.02 -23.10 -13.54
O1A PIO C . -11.64 -24.22 -13.70
C1B PIO C . -9.27 -20.53 -12.30
O1B PIO C . -8.10 -20.60 -12.43
C1C PIO C . -10.96 -20.86 -16.26
C2A PIO C . -12.45 -22.62 -12.15
C2B PIO C . -9.87 -20.28 -10.92
C2C PIO C . -10.82 -22.02 -15.27
O2C PIO C . -12.05 -22.20 -14.61
C3A PIO C . -12.81 -23.80 -11.26
C3B PIO C . -8.76 -20.30 -9.86
C3C PIO C . -9.70 -21.71 -14.27
O3C PIO C . -10.11 -20.68 -13.41
O41 PIO C . -14.83 -14.82 -23.80
O42 PIO C . -15.67 -17.07 -24.34
O43 PIO C . -13.31 -16.76 -23.75
C4A PIO C . -12.88 -23.33 -9.81
C4B PIO C . -9.06 -21.39 -8.83
O51 PIO C . -14.43 -14.13 -19.71
O52 PIO C . -12.25 -14.26 -18.56
O53 PIO C . -12.37 -13.41 -20.87
C5A PIO C . -14.16 -22.53 -9.57
C5B PIO C . -9.73 -20.76 -7.61
C6A PIO C . -13.82 -21.07 -9.30
C6B PIO C . -8.77 -20.84 -6.41
C7A PIO C . -13.43 -20.90 -7.83
C7B PIO C . -9.47 -20.30 -5.17
C8A PIO C . -14.63 -20.38 -7.05
C8B PIO C . -8.68 -20.71 -3.93
C1 NAG D . 23.27 -12.04 25.99
C2 NAG D . 21.82 -11.60 25.78
C3 NAG D . 20.99 -11.85 27.04
C4 NAG D . 21.13 -13.31 27.47
C5 NAG D . 22.60 -13.68 27.63
C6 NAG D . 22.82 -15.13 27.94
C7 NAG D . 20.83 -9.72 24.56
C8 NAG D . 20.90 -8.25 24.27
N2 NAG D . 21.74 -10.20 25.40
O3 NAG D . 19.62 -11.55 26.78
O4 NAG D . 20.47 -13.51 28.71
O5 NAG D . 23.30 -13.41 26.40
O6 NAG D . 24.20 -15.47 27.96
O7 NAG D . 19.98 -10.43 24.05
C1 PLC E . -3.78 -9.90 21.43
C2 PLC E . -3.23 -9.57 20.05
C3 PLC E . -2.64 -10.73 19.29
C4 PLC E . -0.78 -12.88 24.04
C' PLC E . -4.35 -7.65 19.19
C1' PLC E . -5.16 -7.20 18.01
C2' PLC E . -4.75 -7.86 16.70
C3' PLC E . -5.31 -7.11 15.49
C4' PLC E . -4.59 -5.79 15.24
C5' PLC E . -3.93 -5.72 13.87
C6' PLC E . -4.90 -5.32 12.76
C7' PLC E . -4.32 -5.53 11.36
C8' PLC E . -5.17 -4.90 10.25
C9' PLC E . -4.65 -5.22 8.85
CA' PLC E . -5.30 -4.37 7.77
CB' PLC E . -4.80 -4.71 6.37
CB PLC E . -1.97 -11.21 17.09
C1B PLC E . -2.32 -10.96 15.64
C2B PLC E . -1.62 -9.75 15.05
C3B PLC E . -1.62 -9.79 13.53
C4B PLC E . -0.95 -8.58 12.90
C5B PLC E . -0.63 -8.77 11.43
C6B PLC E . -1.10 -7.61 10.56
C7B PLC E . -1.04 -7.93 9.07
C8B PLC E . -1.34 -6.72 8.18
C9B PLC E . -1.42 -7.07 6.70
CAA PLC E . -2.46 -8.15 6.41
CBA PLC E . -2.62 -8.43 4.92
O' PLC E . -3.86 -6.92 20.02
OB PLC E . -1.11 -11.94 17.49
O2 PLC E . -4.23 -8.98 19.23
O3 PLC E . -2.76 -10.52 17.90
O1P PLC E . -3.11 -12.80 22.21
O2P PLC E . -3.84 -11.47 24.30
O3P PLC E . -2.73 -10.26 22.32
O4P PLC E . -1.35 -11.64 23.70
P PLC E . -2.90 -11.65 23.14
C1 PLC F . -6.90 -27.61 -16.83
C2 PLC F . -7.03 -28.14 -15.41
C3 PLC F . -5.75 -28.56 -14.74
C' PLC F . -7.63 -25.89 -14.65
C1' PLC F . -6.71 -25.33 -13.60
C2' PLC F . -7.42 -24.76 -12.39
C3' PLC F . -6.54 -24.79 -11.15
C4' PLC F . -7.29 -24.34 -9.90
C5' PLC F . -6.61 -24.76 -8.60
C6' PLC F . -5.46 -23.84 -8.19
C7' PLC F . -5.07 -24.03 -6.73
C8' PLC F . -3.68 -23.47 -6.38
C9' PLC F . -3.26 -23.74 -4.95
CA' PLC F . -1.77 -23.55 -4.70
CB' PLC F . -1.31 -22.12 -4.87
CB PLC F . -5.12 -29.47 -12.67
C1B PLC F . -5.05 -29.10 -11.21
C2B PLC F . -3.70 -29.40 -10.57
C3B PLC F . -3.51 -28.60 -9.28
C4B PLC F . -2.26 -29.02 -8.52
C5B PLC F . -2.16 -28.40 -7.13
C6B PLC F . -1.39 -29.28 -6.15
C7B PLC F . -1.35 -28.73 -4.73
C8B PLC F . -0.67 -29.67 -3.76
C9B PLC F . -0.60 -29.12 -2.33
CAA PLC F . -0.02 -30.12 -1.33
CBA PLC F . 0.09 -29.55 0.07
O' PLC F . -8.23 -25.24 -15.46
OB PLC F . -4.55 -30.40 -13.18
O2 PLC F . -7.73 -27.23 -14.53
O3 PLC F . -5.92 -28.64 -13.33
O1P PLC F . -6.45 -29.17 -19.47
O2P PLC F . -7.63 -26.91 -19.91
O3P PLC F . -7.93 -28.12 -17.65
O4P PLC F . -9.02 -29.05 -19.57
P PLC F . -7.61 -28.26 -19.24
C1 NAG G . -26.12 18.45 17.65
C2 NAG G . -26.27 19.60 18.65
C3 NAG G . -24.91 19.98 19.23
C4 NAG G . -24.20 18.74 19.80
C5 NAG G . -24.13 17.65 18.73
C6 NAG G . -23.53 16.37 19.24
C7 NAG G . -27.79 21.54 18.62
C8 NAG G . -28.20 21.14 20.02
N2 NAG G . -26.88 20.76 18.03
O3 NAG G . -25.06 20.95 20.25
O4 NAG G . -22.88 19.08 20.22
O5 NAG G . -25.45 17.34 18.28
O6 NAG G . -23.50 15.37 18.23
O7 NAG G . -28.28 22.52 18.07
C1 PIO H . 15.64 13.24 -21.40
O1 PIO H . 14.88 13.96 -22.33
P1 PIO H . 14.40 15.50 -21.97
C2 PIO H . 17.10 13.15 -21.90
O2 PIO H . 17.54 14.45 -22.20
C3 PIO H . 17.25 12.28 -23.15
O3 PIO H . 16.98 13.06 -24.28
C4 PIO H . 16.34 11.04 -23.16
O4 PIO H . 17.07 9.94 -23.62
P4 PIO H . 17.40 9.83 -25.23
C5 PIO H . 15.80 10.71 -21.76
O5 PIO H . 14.96 9.58 -21.85
P5 PIO H . 15.51 8.15 -21.22
C6 PIO H . 14.99 11.87 -21.17
O6 PIO H . 14.85 11.65 -19.79
O11 PIO H . 13.75 16.12 -23.18
O12 PIO H . 15.61 16.31 -21.58
O13 PIO H . 13.33 15.48 -20.71
C1A PIO H . 10.63 16.14 -17.79
O1A PIO H . 9.47 16.29 -17.99
C1B PIO H . 14.31 19.51 -17.69
O1B PIO H . 14.74 20.49 -18.21
C1C PIO H . 13.82 15.64 -19.41
C2A PIO H . 11.12 16.02 -16.34
C2B PIO H . 13.78 19.56 -16.27
C2C PIO H . 12.83 16.43 -18.56
O2C PIO H . 11.52 16.03 -18.86
C3A PIO H . 10.44 17.09 -15.48
C3B PIO H . 14.95 19.53 -15.29
C3C PIO H . 13.00 17.92 -18.82
O3C PIO H . 14.28 18.30 -18.41
O41 PIO H . 18.79 10.35 -25.49
O42 PIO H . 16.40 10.64 -26.01
O43 PIO H . 17.32 8.38 -25.67
C4A PIO H . 10.78 16.86 -14.01
C4B PIO H . 14.45 19.17 -13.90
O51 PIO H . 15.32 7.05 -22.23
O52 PIO H . 16.98 8.28 -20.89
O53 PIO H . 14.73 7.83 -19.97
C5A PIO H . 10.59 18.16 -13.23
C5B PIO H . 15.47 18.26 -13.21
C6B PIO H . 14.76 17.41 -12.15
C7B PIO H . 14.48 18.27 -10.92
C8B PIO H . 13.59 17.49 -9.95
C1 PLC I . 0.48 16.22 18.51
C2 PLC I . 0.39 15.40 17.24
C3 PLC I . 0.32 16.18 15.95
C' PLC I . 1.24 13.17 17.14
C1' PLC I . 2.51 12.38 16.96
C2' PLC I . 3.25 12.70 15.67
C3' PLC I . 2.41 12.38 14.44
C4' PLC I . 2.36 10.90 14.10
C5' PLC I . 2.11 10.64 12.63
C6' PLC I . 2.65 9.30 12.13
C7' PLC I . 2.60 9.19 10.61
C8' PLC I . 3.29 7.94 10.06
C9' PLC I . 3.32 7.92 8.53
CA' PLC I . 3.90 6.63 7.95
CB' PLC I . 3.91 6.62 6.44
CB PLC I . 0.02 15.77 13.66
C1B PLC I . -0.40 14.73 12.67
C2B PLC I . 0.68 14.35 11.66
C3B PLC I . 0.11 13.73 10.40
C4B PLC I . -0.53 12.36 10.66
C5B PLC I . -1.35 11.85 9.48
C6B PLC I . -0.67 10.73 8.71
C7B PLC I . 0.40 11.22 7.74
C8B PLC I . 0.89 10.13 6.79
C9B PLC I . -0.22 9.51 5.96
CAA PLC I . 0.27 8.40 5.03
CBA PLC I . -0.85 7.79 4.20
O' PLC I . 0.15 12.70 17.28
OB PLC I . 0.51 16.83 13.38
O2 PLC I . 1.48 14.48 17.12
O3 PLC I . -0.19 15.37 14.91
O1P PLC I . 0.36 18.47 20.59
O2P PLC I . -1.77 17.00 20.78
O3P PLC I . -0.53 17.21 18.53
O4P PLC I . -1.79 19.09 19.30
P PLC I . -0.87 17.89 19.97
C1 PLC J . 9.77 21.42 -22.48
C2 PLC J . 9.16 21.90 -21.16
C3 PLC J . 9.36 20.99 -19.98
C' PLC J . 8.96 24.29 -21.10
C1' PLC J . 7.53 24.18 -20.66
C2' PLC J . 7.14 25.18 -19.58
C3' PLC J . 5.77 25.78 -19.84
C4' PLC J . 5.14 26.37 -18.57
C5' PLC J . 5.16 25.39 -17.40
C6' PLC J . 4.14 25.72 -16.33
C7' PLC J . 4.11 24.69 -15.20
C8' PLC J . 2.95 24.88 -14.23
C9' PLC J . 2.89 26.28 -13.62
CA' PLC J . 1.84 26.40 -12.53
CB' PLC J . 1.74 27.82 -11.96
CB PLC J . 8.72 20.80 -17.72
C1B PLC J . 7.86 21.42 -16.65
C2B PLC J . 7.95 20.70 -15.30
C3B PLC J . 7.16 21.42 -14.22
C4B PLC J . 7.13 20.66 -12.91
O' PLC J . 9.44 25.25 -21.65
OB PLC J . 9.41 19.82 -17.59
O2 PLC J . 9.65 23.19 -20.81
O3 PLC J . 8.64 21.47 -18.86
O1P PLC J . 9.18 22.80 -25.86
O2P PLC J . 10.39 20.63 -25.12
O3P PLC J . 9.88 22.49 -23.39
O4P PLC J . 11.61 22.88 -24.99
P PLC J . 10.15 22.11 -24.96
#